data_3HN2
#
_entry.id   3HN2
#
_cell.length_a   77.318
_cell.length_b   82.179
_cell.length_c   201.291
_cell.angle_alpha   90.00
_cell.angle_beta   90.00
_cell.angle_gamma   90.00
#
_symmetry.space_group_name_H-M   'P 21 21 21'
#
loop_
_entity.id
_entity.type
_entity.pdbx_description
1 polymer '2-dehydropantoate 2-reductase'
2 water water
#
_entity_poly.entity_id   1
_entity_poly.type   'polypeptide(L)'
_entity_poly.pdbx_seq_one_letter_code
;MSLRIAIVGAGALGLYYGALLQRSGEDVHFLLRRDYEAIAGNGLKVFSINGDFTLPHVKGYRAPEEIGPMDLVLVGLKTF
ANSRYEELIRPLVEEGTQILTLQNGLGNEEALATLFGAERIIGGVAFLCSNRGEPGEVHHLGAGRIILGEFLPRDTGRIE
ELAAMFRQAGVDCRTTDDLKRARWEKLVWNIPFNGLCALLQQPVNLILARDVSRKLVRGIMLEVIAGANAQGLATFIADG
YVDDMLEFTDAMGEYKPSMEIDREEGRPLEIAAIFRTPLAYGAREGIAMPRVEMLATLLEQATGEGHHHHHH
;
_entity_poly.pdbx_strand_id   A,B,C,D
#
# COMPACT_ATOMS: atom_id res chain seq x y z
N ARG A 4 36.20 8.27 -1.09
CA ARG A 4 34.82 8.54 -0.62
C ARG A 4 33.75 7.75 -1.39
N ILE A 5 34.00 7.52 -2.68
CA ILE A 5 33.04 6.83 -3.55
C ILE A 5 33.51 5.45 -4.00
N ALA A 6 32.63 4.46 -3.90
CA ALA A 6 32.85 3.13 -4.47
C ALA A 6 31.76 2.82 -5.50
N ILE A 7 32.18 2.28 -6.64
CA ILE A 7 31.23 1.90 -7.70
C ILE A 7 31.06 0.38 -7.73
N VAL A 8 29.83 -0.06 -7.45
CA VAL A 8 29.51 -1.50 -7.44
C VAL A 8 28.49 -1.81 -8.53
N GLY A 9 29.01 -2.29 -9.66
CA GLY A 9 28.20 -2.53 -10.85
C GLY A 9 29.10 -2.70 -12.04
N ALA A 10 29.74 -1.59 -12.43
CA ALA A 10 30.64 -1.51 -13.58
C ALA A 10 29.93 -1.84 -14.91
N GLY A 11 28.65 -1.47 -14.98
CA GLY A 11 27.87 -1.62 -16.18
C GLY A 11 27.93 -0.35 -17.01
N ALA A 12 26.93 -0.17 -17.87
CA ALA A 12 26.88 0.97 -18.76
C ALA A 12 26.50 2.27 -18.05
N LEU A 13 26.07 2.18 -16.80
CA LEU A 13 25.70 3.36 -16.02
C LEU A 13 26.60 3.61 -14.82
N GLY A 14 27.07 2.54 -14.17
CA GLY A 14 27.97 2.65 -13.03
C GLY A 14 29.31 3.22 -13.43
N LEU A 15 29.80 2.81 -14.60
CA LEU A 15 31.04 3.33 -15.14
C LEU A 15 30.89 4.78 -15.56
N TYR A 16 29.83 5.07 -16.31
CA TYR A 16 29.54 6.42 -16.82
C TYR A 16 29.45 7.47 -15.71
N TYR A 17 28.68 7.17 -14.67
CA TYR A 17 28.52 8.09 -13.55
C TYR A 17 29.79 8.21 -12.70
N GLY A 18 30.47 7.09 -12.50
CA GLY A 18 31.73 7.08 -11.76
C GLY A 18 32.84 7.83 -12.47
N ALA A 19 32.87 7.73 -13.80
CA ALA A 19 33.84 8.45 -14.62
C ALA A 19 33.61 9.94 -14.59
N LEU A 20 32.34 10.35 -14.56
CA LEU A 20 31.99 11.76 -14.44
C LEU A 20 32.28 12.28 -13.03
N LEU A 21 32.09 11.41 -12.04
CA LEU A 21 32.37 11.75 -10.64
C LEU A 21 33.85 12.05 -10.37
N GLN A 22 34.76 11.19 -10.84
CA GLN A 22 36.19 11.46 -10.64
C GLN A 22 36.74 12.53 -11.59
N ARG A 23 36.09 12.74 -12.74
CA ARG A 23 36.47 13.79 -13.69
C ARG A 23 36.34 15.16 -13.07
N SER A 24 35.40 15.30 -12.15
CA SER A 24 35.24 16.51 -11.34
C SER A 24 35.89 16.39 -9.96
N GLY A 25 36.80 15.43 -9.82
CA GLY A 25 37.64 15.34 -8.63
C GLY A 25 36.97 14.75 -7.42
N GLU A 26 36.50 13.51 -7.54
CA GLU A 26 35.98 12.77 -6.42
C GLU A 26 36.80 11.50 -6.30
N ASP A 27 36.98 11.04 -5.06
CA ASP A 27 37.81 9.85 -4.79
C ASP A 27 37.03 8.59 -5.13
N VAL A 28 37.07 8.20 -6.40
CA VAL A 28 36.24 7.13 -6.93
C VAL A 28 37.03 5.83 -7.01
N HIS A 29 36.42 4.75 -6.50
CA HIS A 29 37.04 3.43 -6.47
C HIS A 29 36.12 2.45 -7.18
N PHE A 30 36.52 2.00 -8.36
CA PHE A 30 35.73 1.08 -9.15
C PHE A 30 35.96 -0.39 -8.73
N LEU A 31 34.86 -1.13 -8.56
CA LEU A 31 34.94 -2.58 -8.39
C LEU A 31 34.69 -3.27 -9.73
N LEU A 32 35.79 -3.62 -10.40
CA LEU A 32 35.72 -4.31 -11.69
C LEU A 32 35.76 -5.82 -11.52
N ARG A 33 35.20 -6.53 -12.49
CA ARG A 33 35.14 -7.98 -12.47
C ARG A 33 35.62 -8.53 -13.81
N ARG A 34 34.76 -8.43 -14.82
CA ARG A 34 35.02 -8.94 -16.16
C ARG A 34 36.23 -8.27 -16.84
N ASP A 35 36.35 -6.96 -16.67
CA ASP A 35 37.42 -6.20 -17.31
C ASP A 35 38.26 -5.37 -16.33
N TYR A 36 38.89 -6.04 -15.37
CA TYR A 36 39.83 -5.40 -14.46
C TYR A 36 41.13 -5.09 -15.18
N GLU A 37 41.63 -6.08 -15.92
CA GLU A 37 42.93 -6.02 -16.59
C GLU A 37 42.99 -5.00 -17.75
N ALA A 38 41.85 -4.78 -18.40
CA ALA A 38 41.76 -3.83 -19.50
C ALA A 38 41.78 -2.38 -19.02
N ILE A 39 41.30 -2.14 -17.81
CA ILE A 39 41.21 -0.79 -17.25
C ILE A 39 42.39 -0.47 -16.30
N ALA A 40 43.03 -1.51 -15.76
CA ALA A 40 44.26 -1.33 -14.97
C ALA A 40 45.44 -1.02 -15.89
N GLY A 41 45.39 -1.54 -17.12
CA GLY A 41 46.42 -1.32 -18.12
C GLY A 41 46.31 0.01 -18.85
N ASN A 42 45.12 0.29 -19.39
CA ASN A 42 44.90 1.48 -20.20
C ASN A 42 44.10 2.61 -19.54
N GLY A 43 43.14 2.23 -18.70
CA GLY A 43 42.13 3.16 -18.21
C GLY A 43 40.89 3.02 -19.06
N LEU A 44 39.82 3.73 -18.71
CA LEU A 44 38.58 3.64 -19.48
C LEU A 44 38.30 4.87 -20.34
N LYS A 45 37.71 4.63 -21.51
CA LYS A 45 37.36 5.69 -22.45
C LYS A 45 35.87 5.90 -22.44
N VAL A 46 35.44 7.15 -22.25
CA VAL A 46 34.02 7.50 -22.30
C VAL A 46 33.73 8.26 -23.59
N PHE A 47 32.87 7.68 -24.41
CA PHE A 47 32.42 8.34 -25.62
C PHE A 47 31.02 8.88 -25.36
N SER A 48 30.83 10.18 -25.58
CA SER A 48 29.55 10.82 -25.34
C SER A 48 29.08 11.61 -26.55
N ILE A 49 27.81 11.98 -26.52
CA ILE A 49 27.26 12.96 -27.44
C ILE A 49 27.72 14.35 -27.00
N ASN A 50 28.05 14.47 -25.72
CA ASN A 50 28.54 15.71 -25.12
C ASN A 50 30.07 15.79 -25.14
N GLY A 51 30.69 15.27 -26.19
CA GLY A 51 32.15 15.26 -26.31
C GLY A 51 32.81 14.15 -25.52
N ASP A 52 33.71 13.42 -26.17
CA ASP A 52 34.38 12.27 -25.56
C ASP A 52 35.48 12.68 -24.60
N PHE A 53 35.74 11.85 -23.59
CA PHE A 53 36.90 12.03 -22.70
C PHE A 53 37.48 10.70 -22.26
N THR A 54 38.74 10.73 -21.82
CA THR A 54 39.46 9.51 -21.46
C THR A 54 40.15 9.67 -20.11
N LEU A 55 39.92 8.73 -19.21
CA LEU A 55 40.64 8.70 -17.94
C LEU A 55 41.86 7.79 -18.09
N PRO A 56 43.07 8.38 -18.02
CA PRO A 56 44.31 7.63 -18.24
C PRO A 56 44.54 6.61 -17.12
N HIS A 57 44.24 7.03 -15.89
CA HIS A 57 44.35 6.18 -14.71
C HIS A 57 42.98 6.04 -14.05
N VAL A 58 42.65 4.81 -13.65
CA VAL A 58 41.43 4.52 -12.91
C VAL A 58 41.77 3.66 -11.68
N LYS A 59 41.32 4.11 -10.51
CA LYS A 59 41.46 3.33 -9.28
C LYS A 59 40.55 2.12 -9.31
N GLY A 60 41.11 0.98 -9.74
CA GLY A 60 40.35 -0.26 -9.86
C GLY A 60 40.73 -1.32 -8.84
N TYR A 61 39.77 -2.17 -8.51
CA TYR A 61 39.97 -3.25 -7.54
C TYR A 61 39.20 -4.49 -8.00
N ARG A 62 39.52 -5.63 -7.43
CA ARG A 62 38.81 -6.87 -7.76
C ARG A 62 38.07 -7.48 -6.58
N ALA A 63 38.46 -7.09 -5.38
CA ALA A 63 37.78 -7.49 -4.16
C ALA A 63 37.36 -6.24 -3.39
N PRO A 64 36.13 -6.23 -2.84
CA PRO A 64 35.66 -5.11 -2.02
C PRO A 64 36.43 -4.92 -0.69
N GLU A 65 37.02 -5.99 -0.17
CA GLU A 65 37.80 -5.90 1.07
C GLU A 65 39.13 -5.19 0.91
N GLU A 66 39.57 -5.03 -0.34
CA GLU A 66 40.77 -4.25 -0.66
C GLU A 66 40.48 -2.75 -0.62
N ILE A 67 39.25 -2.39 -1.01
CA ILE A 67 38.81 -0.99 -1.02
C ILE A 67 38.57 -0.47 0.40
N GLY A 68 37.86 -1.24 1.20
CA GLY A 68 37.57 -0.87 2.59
C GLY A 68 36.44 0.12 2.74
N PRO A 69 36.27 0.66 3.97
CA PRO A 69 35.20 1.62 4.32
C PRO A 69 35.16 2.84 3.41
N MET A 70 33.94 3.24 3.03
CA MET A 70 33.70 4.36 2.12
C MET A 70 32.71 5.36 2.72
N ASP A 71 32.52 6.49 2.06
CA ASP A 71 31.48 7.45 2.45
C ASP A 71 30.17 7.16 1.71
N LEU A 72 30.31 6.82 0.43
CA LEU A 72 29.18 6.55 -0.43
C LEU A 72 29.49 5.35 -1.32
N VAL A 73 28.54 4.42 -1.42
CA VAL A 73 28.63 3.38 -2.45
C VAL A 73 27.48 3.46 -3.45
N LEU A 74 27.83 3.77 -4.69
CA LEU A 74 26.90 3.72 -5.82
C LEU A 74 26.74 2.30 -6.29
N VAL A 75 25.56 1.73 -6.08
CA VAL A 75 25.23 0.42 -6.60
C VAL A 75 24.63 0.57 -8.02
N GLY A 76 25.33 0.01 -9.01
CA GLY A 76 24.86 -0.01 -10.39
C GLY A 76 24.75 -1.43 -10.92
N LEU A 77 24.64 -2.38 -10.00
CA LEU A 77 24.52 -3.82 -10.31
C LEU A 77 23.26 -4.13 -11.10
N LYS A 78 23.35 -5.14 -11.95
CA LYS A 78 22.16 -5.72 -12.54
C LYS A 78 21.43 -6.50 -11.46
N THR A 79 20.11 -6.40 -11.44
CA THR A 79 19.29 -6.82 -10.30
C THR A 79 19.18 -8.33 -10.07
N PHE A 80 19.65 -9.12 -11.03
CA PHE A 80 19.74 -10.57 -10.85
C PHE A 80 20.94 -10.99 -10.00
N ALA A 81 21.86 -10.05 -9.77
CA ALA A 81 23.01 -10.25 -8.89
C ALA A 81 22.75 -9.71 -7.48
N ASN A 82 21.48 -9.48 -7.14
CA ASN A 82 21.10 -8.91 -5.84
C ASN A 82 21.31 -9.83 -4.64
N SER A 83 21.48 -11.12 -4.89
CA SER A 83 21.83 -12.10 -3.85
C SER A 83 23.26 -11.88 -3.37
N ARG A 84 24.07 -11.25 -4.23
CA ARG A 84 25.47 -10.96 -3.93
C ARG A 84 25.66 -9.65 -3.20
N TYR A 85 24.56 -9.04 -2.73
CA TYR A 85 24.59 -7.78 -2.00
C TYR A 85 25.52 -7.79 -0.79
N GLU A 86 25.40 -8.85 0.02
CA GLU A 86 26.13 -8.96 1.28
C GLU A 86 27.64 -9.05 1.09
N GLU A 87 28.10 -9.95 0.21
CA GLU A 87 29.54 -10.11 -0.03
C GLU A 87 30.21 -8.88 -0.65
N LEU A 88 29.48 -8.19 -1.53
CA LEU A 88 30.04 -7.08 -2.30
C LEU A 88 30.05 -5.73 -1.59
N ILE A 89 29.12 -5.52 -0.66
CA ILE A 89 28.94 -4.20 -0.03
C ILE A 89 29.41 -4.13 1.44
N ARG A 90 29.21 -5.21 2.21
CA ARG A 90 29.61 -5.25 3.63
C ARG A 90 31.03 -4.74 3.99
N PRO A 91 32.09 -5.12 3.22
CA PRO A 91 33.40 -4.52 3.53
C PRO A 91 33.53 -3.00 3.33
N LEU A 92 32.61 -2.41 2.55
CA LEU A 92 32.63 -0.98 2.26
C LEU A 92 31.86 -0.15 3.29
N VAL A 93 31.16 -0.82 4.19
CA VAL A 93 30.25 -0.14 5.12
C VAL A 93 30.89 0.12 6.50
N GLU A 94 30.97 1.41 6.85
CA GLU A 94 31.33 1.85 8.18
C GLU A 94 30.17 2.69 8.70
N GLU A 95 30.13 3.00 9.99
CA GLU A 95 29.15 3.88 10.58
C GLU A 95 29.20 5.26 9.91
N GLY A 96 28.19 5.56 9.10
CA GLY A 96 28.13 6.82 8.36
C GLY A 96 28.17 6.64 6.85
N THR A 97 28.55 5.45 6.38
CA THR A 97 28.51 5.11 4.96
C THR A 97 27.05 5.12 4.53
N GLN A 98 26.81 5.70 3.36
CA GLN A 98 25.47 5.68 2.78
C GLN A 98 25.45 5.02 1.40
N ILE A 99 24.36 4.32 1.12
CA ILE A 99 24.28 3.45 -0.05
C ILE A 99 23.28 4.00 -1.07
N LEU A 100 23.78 4.27 -2.27
CA LEU A 100 22.96 4.84 -3.34
C LEU A 100 22.68 3.81 -4.42
N THR A 101 21.40 3.47 -4.57
CA THR A 101 20.99 2.50 -5.58
C THR A 101 20.44 3.20 -6.86
N LEU A 102 20.97 2.82 -8.01
CA LEU A 102 20.58 3.42 -9.29
C LEU A 102 20.05 2.39 -10.27
N GLN A 103 19.89 1.17 -9.79
CA GLN A 103 19.43 0.05 -10.61
C GLN A 103 17.94 0.10 -10.88
N ASN A 104 17.48 -0.80 -11.75
CA ASN A 104 16.12 -0.76 -12.27
C ASN A 104 15.09 -1.57 -11.48
N GLY A 105 13.84 -1.12 -11.54
CA GLY A 105 12.74 -1.84 -10.93
C GLY A 105 12.58 -1.51 -9.47
N LEU A 106 12.02 -2.46 -8.73
CA LEU A 106 11.71 -2.25 -7.33
C LEU A 106 12.49 -3.17 -6.40
N GLY A 107 12.24 -3.01 -5.11
CA GLY A 107 12.76 -3.92 -4.10
C GLY A 107 14.20 -3.66 -3.70
N ASN A 108 14.94 -2.96 -4.56
CA ASN A 108 16.36 -2.69 -4.39
C ASN A 108 16.63 -1.86 -3.15
N GLU A 109 15.87 -0.79 -2.98
CA GLU A 109 15.98 0.07 -1.80
C GLU A 109 15.73 -0.70 -0.51
N GLU A 110 14.71 -1.54 -0.54
CA GLU A 110 14.23 -2.28 0.61
C GLU A 110 15.13 -3.45 1.01
N ALA A 111 15.72 -4.10 0.00
CA ALA A 111 16.63 -5.22 0.22
C ALA A 111 17.87 -4.77 0.98
N LEU A 112 18.50 -3.71 0.45
CA LEU A 112 19.66 -3.07 1.05
C LEU A 112 19.36 -2.46 2.42
N ALA A 113 18.12 -2.02 2.60
CA ALA A 113 17.67 -1.46 3.88
C ALA A 113 17.55 -2.54 4.95
N THR A 114 17.03 -3.71 4.56
CA THR A 114 16.97 -4.89 5.42
C THR A 114 18.38 -5.39 5.72
N LEU A 115 19.25 -5.32 4.72
CA LEU A 115 20.59 -5.87 4.82
C LEU A 115 21.53 -5.00 5.64
N PHE A 116 21.41 -3.68 5.50
CA PHE A 116 22.38 -2.75 6.10
C PHE A 116 21.81 -1.73 7.10
N GLY A 117 20.68 -1.14 6.75
CA GLY A 117 20.05 -0.11 7.58
C GLY A 117 19.30 0.88 6.72
N ALA A 118 18.05 1.14 7.07
CA ALA A 118 17.16 1.98 6.25
C ALA A 118 17.56 3.46 6.20
N GLU A 119 18.25 3.94 7.22
CA GLU A 119 18.71 5.32 7.24
C GLU A 119 20.02 5.55 6.48
N ARG A 120 20.51 4.50 5.81
CA ARG A 120 21.69 4.59 4.95
C ARG A 120 21.30 4.67 3.48
N ILE A 121 20.05 4.32 3.16
CA ILE A 121 19.66 4.03 1.79
C ILE A 121 19.14 5.26 1.05
N ILE A 122 19.70 5.50 -0.14
CA ILE A 122 19.25 6.57 -1.02
C ILE A 122 18.88 5.97 -2.38
N GLY A 123 17.69 6.28 -2.84
CA GLY A 123 17.23 5.80 -4.13
C GLY A 123 17.43 6.85 -5.20
N GLY A 124 18.05 6.43 -6.30
CA GLY A 124 18.20 7.29 -7.46
C GLY A 124 17.55 6.66 -8.67
N VAL A 125 16.44 7.25 -9.12
CA VAL A 125 15.88 6.87 -10.43
C VAL A 125 16.64 7.63 -11.50
N ALA A 126 17.43 6.90 -12.27
CA ALA A 126 18.24 7.46 -13.34
C ALA A 126 17.63 7.15 -14.69
N PHE A 127 17.77 8.08 -15.63
CA PHE A 127 17.31 7.83 -17.00
C PHE A 127 18.44 8.10 -17.99
N LEU A 128 18.94 7.02 -18.58
CA LEU A 128 20.17 7.07 -19.36
C LEU A 128 20.06 6.17 -20.59
N CYS A 129 20.53 6.67 -21.73
CA CYS A 129 20.69 5.86 -22.94
C CYS A 129 22.16 5.49 -23.09
N SER A 130 22.49 4.23 -22.84
CA SER A 130 23.89 3.78 -22.86
C SER A 130 24.06 2.29 -23.15
N ASN A 131 24.60 1.98 -24.32
CA ASN A 131 25.17 0.66 -24.56
C ASN A 131 26.67 0.74 -24.25
N ARG A 132 27.24 -0.34 -23.75
CA ARG A 132 28.67 -0.37 -23.44
C ARG A 132 29.38 -1.37 -24.34
N GLY A 133 30.64 -1.65 -24.04
CA GLY A 133 31.22 -2.93 -24.43
C GLY A 133 32.33 -3.03 -25.45
N GLU A 134 33.47 -2.44 -25.14
CA GLU A 134 34.75 -2.90 -25.65
C GLU A 134 35.68 -2.77 -24.46
N PRO A 135 35.72 -3.81 -23.59
CA PRO A 135 36.19 -3.82 -22.21
C PRO A 135 36.94 -2.57 -21.76
N GLY A 136 36.21 -1.65 -21.13
CA GLY A 136 36.75 -0.36 -20.73
C GLY A 136 36.36 0.76 -21.66
N GLU A 137 35.21 0.60 -22.33
CA GLU A 137 34.66 1.64 -23.20
C GLU A 137 33.17 1.84 -22.91
N VAL A 138 32.84 3.05 -22.47
CA VAL A 138 31.48 3.44 -22.14
C VAL A 138 30.94 4.37 -23.21
N HIS A 139 29.77 4.07 -23.75
CA HIS A 139 29.12 4.93 -24.74
C HIS A 139 27.86 5.56 -24.16
N HIS A 140 27.78 6.89 -24.22
CA HIS A 140 26.65 7.65 -23.72
C HIS A 140 25.91 8.31 -24.87
N LEU A 141 24.71 7.81 -25.17
CA LEU A 141 23.97 8.19 -26.36
C LEU A 141 22.95 9.31 -26.12
N GLY A 142 22.62 9.54 -24.86
CA GLY A 142 21.64 10.57 -24.50
C GLY A 142 21.30 10.62 -23.02
N ALA A 143 20.63 11.71 -22.64
CA ALA A 143 20.10 11.92 -21.28
C ALA A 143 21.13 11.75 -20.17
N GLY A 144 20.73 11.19 -19.03
CA GLY A 144 21.65 10.93 -17.94
C GLY A 144 21.17 11.52 -16.62
N ARG A 145 20.01 12.17 -16.65
CA ARG A 145 19.45 12.85 -15.48
C ARG A 145 19.05 11.86 -14.37
N ILE A 146 19.09 12.33 -13.12
CA ILE A 146 18.82 11.48 -11.96
C ILE A 146 17.85 12.20 -11.00
N ILE A 147 16.88 11.47 -10.46
CA ILE A 147 16.05 11.98 -9.37
C ILE A 147 16.41 11.24 -8.07
N LEU A 148 16.82 12.01 -7.05
CA LEU A 148 17.31 11.45 -5.78
C LEU A 148 16.30 11.49 -4.65
N GLY A 149 15.99 10.32 -4.09
CA GLY A 149 15.12 10.23 -2.92
C GLY A 149 15.74 9.44 -1.78
N GLU A 150 15.37 9.75 -0.56
CA GLU A 150 15.79 8.91 0.56
C GLU A 150 14.72 7.89 0.88
N PHE A 151 15.15 6.65 1.09
CA PHE A 151 14.23 5.59 1.47
C PHE A 151 13.52 5.90 2.80
N LEU A 152 14.30 6.11 3.86
CA LEU A 152 13.74 6.60 5.12
C LEU A 152 13.80 8.12 5.09
N PRO A 153 12.63 8.79 5.24
CA PRO A 153 12.47 10.20 4.85
C PRO A 153 13.00 11.24 5.85
N ARG A 154 14.23 11.05 6.36
CA ARG A 154 14.79 12.02 7.30
C ARG A 154 15.86 12.98 6.75
N ASP A 155 15.60 14.19 6.31
CA ASP A 155 16.53 15.30 6.12
C ASP A 155 16.67 15.77 4.66
N THR A 156 17.35 16.76 4.44
CA THR A 156 17.50 17.36 3.11
C THR A 156 18.96 17.57 2.76
N GLY A 157 19.74 18.07 3.72
CA GLY A 157 21.19 18.25 3.59
C GLY A 157 21.84 17.06 2.92
N ARG A 158 21.65 15.88 3.50
CA ARG A 158 22.08 14.60 2.93
C ARG A 158 21.72 14.42 1.45
N ILE A 159 20.47 14.70 1.10
CA ILE A 159 19.97 14.51 -0.25
C ILE A 159 20.40 15.66 -1.17
N GLU A 160 20.46 16.87 -0.61
CA GLU A 160 20.90 18.03 -1.38
C GLU A 160 22.40 18.06 -1.60
N GLU A 161 23.18 17.56 -0.64
CA GLU A 161 24.64 17.42 -0.79
C GLU A 161 25.01 16.45 -1.89
N LEU A 162 24.25 15.36 -2.01
CA LEU A 162 24.43 14.39 -3.10
C LEU A 162 23.99 14.97 -4.45
N ALA A 163 22.86 15.68 -4.45
CA ALA A 163 22.34 16.38 -5.62
C ALA A 163 23.33 17.41 -6.15
N ALA A 164 23.91 18.18 -5.22
CA ALA A 164 24.94 19.17 -5.54
C ALA A 164 26.17 18.50 -6.13
N MET A 165 26.59 17.40 -5.52
CA MET A 165 27.74 16.60 -5.95
C MET A 165 27.59 16.11 -7.40
N PHE A 166 26.40 15.63 -7.76
CA PHE A 166 26.12 15.22 -9.15
C PHE A 166 26.09 16.39 -10.13
N ARG A 167 25.42 17.49 -9.74
CA ARG A 167 25.31 18.70 -10.57
C ARG A 167 26.66 19.35 -10.85
N GLN A 168 27.56 19.30 -9.87
CA GLN A 168 28.96 19.71 -10.02
C GLN A 168 29.70 18.89 -11.07
N ALA A 169 29.31 17.63 -11.22
CA ALA A 169 29.92 16.70 -12.14
C ALA A 169 29.29 16.76 -13.53
N GLY A 170 28.27 17.61 -13.68
CA GLY A 170 27.62 17.81 -14.97
C GLY A 170 26.44 16.91 -15.21
N VAL A 171 25.94 16.30 -14.13
CA VAL A 171 24.74 15.46 -14.19
C VAL A 171 23.54 16.31 -13.78
N ASP A 172 22.52 16.36 -14.63
CA ASP A 172 21.29 17.07 -14.32
C ASP A 172 20.54 16.32 -13.23
N CYS A 173 20.64 16.81 -12.00
CA CYS A 173 20.21 16.03 -10.84
C CYS A 173 19.15 16.72 -10.00
N ARG A 174 17.99 16.07 -9.89
CA ARG A 174 16.84 16.61 -9.17
C ARG A 174 16.67 15.92 -7.80
N THR A 175 15.66 16.34 -7.04
CA THR A 175 15.38 15.78 -5.73
C THR A 175 13.87 15.73 -5.51
N THR A 176 13.40 14.63 -4.93
CA THR A 176 11.97 14.47 -4.63
C THR A 176 11.76 13.99 -3.18
N ASP A 177 10.54 14.18 -2.68
CA ASP A 177 10.14 13.70 -1.35
C ASP A 177 9.44 12.34 -1.45
N ASP A 178 9.02 12.00 -2.66
CA ASP A 178 8.32 10.77 -2.93
C ASP A 178 9.14 9.92 -3.90
N LEU A 179 10.14 9.24 -3.32
CA LEU A 179 11.00 8.30 -4.05
C LEU A 179 10.18 7.15 -4.62
N LYS A 180 9.29 6.62 -3.79
CA LYS A 180 8.42 5.51 -4.13
C LYS A 180 7.63 5.81 -5.41
N ARG A 181 7.06 7.01 -5.50
CA ARG A 181 6.28 7.43 -6.67
C ARG A 181 7.15 7.47 -7.92
N ALA A 182 8.32 8.09 -7.81
CA ALA A 182 9.27 8.24 -8.90
C ALA A 182 9.75 6.92 -9.53
N ARG A 183 9.92 5.89 -8.68
CA ARG A 183 10.23 4.53 -9.13
C ARG A 183 9.10 3.99 -10.00
N TRP A 184 7.87 4.16 -9.51
CA TRP A 184 6.67 3.76 -10.23
C TRP A 184 6.45 4.58 -11.49
N GLU A 185 6.87 5.86 -11.44
CA GLU A 185 6.80 6.74 -12.60
C GLU A 185 7.67 6.21 -13.74
N LYS A 186 8.85 5.68 -13.40
CA LYS A 186 9.76 5.12 -14.41
C LYS A 186 9.31 3.75 -14.87
N LEU A 187 8.57 3.04 -14.00
CA LEU A 187 7.97 1.74 -14.34
C LEU A 187 6.90 1.87 -15.41
N VAL A 188 6.23 3.02 -15.45
CA VAL A 188 5.25 3.34 -16.50
C VAL A 188 5.91 3.34 -17.89
N TRP A 189 7.20 3.66 -17.94
CA TRP A 189 7.94 3.61 -19.19
C TRP A 189 8.61 2.27 -19.41
N ASN A 190 9.25 1.76 -18.35
CA ASN A 190 10.11 0.58 -18.41
C ASN A 190 9.36 -0.72 -18.70
N ILE A 191 8.10 -0.78 -18.32
CA ILE A 191 7.33 -2.01 -18.50
C ILE A 191 6.88 -2.24 -19.96
N PRO A 192 6.11 -1.29 -20.58
CA PRO A 192 5.79 -1.51 -22.00
C PRO A 192 7.00 -1.61 -22.92
N PHE A 193 7.99 -0.75 -22.70
CA PHE A 193 9.09 -0.63 -23.64
C PHE A 193 10.26 -1.61 -23.43
N ASN A 194 10.77 -1.74 -22.20
CA ASN A 194 11.74 -2.83 -21.97
C ASN A 194 11.11 -4.23 -22.09
N GLY A 195 9.78 -4.30 -21.97
CA GLY A 195 9.05 -5.55 -22.21
C GLY A 195 8.85 -5.95 -23.67
N LEU A 196 8.16 -5.09 -24.42
CA LEU A 196 7.75 -5.39 -25.81
C LEU A 196 8.93 -5.51 -26.76
N CYS A 197 9.84 -4.54 -26.69
CA CYS A 197 11.04 -4.50 -27.51
C CYS A 197 11.94 -5.73 -27.38
N ALA A 198 12.12 -6.20 -26.15
CA ALA A 198 12.93 -7.39 -25.91
C ALA A 198 12.25 -8.64 -26.46
N LEU A 199 10.93 -8.71 -26.27
CA LEU A 199 10.11 -9.83 -26.74
C LEU A 199 10.01 -9.90 -28.27
N LEU A 200 9.67 -8.78 -28.90
CA LEU A 200 9.50 -8.73 -30.35
C LEU A 200 10.83 -8.57 -31.08
N GLN A 201 11.89 -8.27 -30.31
CA GLN A 201 13.20 -7.82 -30.82
C GLN A 201 13.14 -6.71 -31.88
N GLN A 202 12.40 -5.65 -31.55
CA GLN A 202 12.28 -4.47 -32.40
C GLN A 202 12.52 -3.21 -31.56
N PRO A 203 13.07 -2.14 -32.17
CA PRO A 203 13.20 -0.86 -31.45
C PRO A 203 11.86 -0.16 -31.17
N VAL A 204 11.90 0.89 -30.35
CA VAL A 204 10.68 1.55 -29.84
C VAL A 204 9.78 2.20 -30.92
N ASN A 205 10.38 2.71 -31.99
CA ASN A 205 9.63 3.38 -33.07
C ASN A 205 8.62 2.50 -33.80
N LEU A 206 8.94 1.21 -33.89
CA LEU A 206 8.07 0.22 -34.50
C LEU A 206 6.86 -0.10 -33.62
N ILE A 207 7.11 -0.39 -32.33
CA ILE A 207 6.06 -0.59 -31.32
C ILE A 207 5.08 0.58 -31.33
N LEU A 208 5.62 1.79 -31.45
CA LEU A 208 4.83 3.02 -31.54
C LEU A 208 4.18 3.30 -32.90
N ALA A 209 4.54 2.54 -33.94
CA ALA A 209 4.05 2.87 -35.30
C ALA A 209 2.63 2.38 -35.57
N ARG A 210 2.31 1.17 -35.12
CA ARG A 210 0.98 0.60 -35.28
C ARG A 210 -0.01 1.13 -34.26
N ASP A 211 -1.16 1.57 -34.77
CA ASP A 211 -2.28 2.12 -33.99
C ASP A 211 -2.72 1.26 -32.81
N VAL A 212 -2.92 -0.03 -33.03
CA VAL A 212 -3.40 -0.94 -31.99
C VAL A 212 -2.32 -1.31 -30.97
N SER A 213 -1.06 -1.19 -31.38
CA SER A 213 0.09 -1.38 -30.49
C SER A 213 0.27 -0.20 -29.55
N ARG A 214 -0.07 1.00 -30.01
CA ARG A 214 -0.10 2.18 -29.14
C ARG A 214 -1.19 2.02 -28.09
N LYS A 215 -2.34 1.47 -28.51
CA LYS A 215 -3.47 1.15 -27.63
C LYS A 215 -3.08 0.10 -26.59
N LEU A 216 -2.23 -0.86 -27.00
CA LEU A 216 -1.67 -1.86 -26.11
C LEU A 216 -0.77 -1.20 -25.06
N VAL A 217 0.17 -0.37 -25.51
CA VAL A 217 1.07 0.38 -24.65
C VAL A 217 0.28 1.22 -23.66
N ARG A 218 -0.75 1.91 -24.14
CA ARG A 218 -1.69 2.64 -23.29
C ARG A 218 -2.26 1.76 -22.16
N GLY A 219 -2.72 0.56 -22.51
CA GLY A 219 -3.33 -0.37 -21.58
C GLY A 219 -2.36 -0.90 -20.55
N ILE A 220 -1.17 -1.28 -21.01
CA ILE A 220 -0.09 -1.72 -20.14
C ILE A 220 0.25 -0.61 -19.14
N MET A 221 0.40 0.60 -19.66
CA MET A 221 0.68 1.80 -18.88
C MET A 221 -0.36 2.10 -17.81
N LEU A 222 -1.65 2.05 -18.19
CA LEU A 222 -2.75 2.23 -17.24
C LEU A 222 -2.76 1.24 -16.06
N GLU A 223 -2.25 0.02 -16.28
CA GLU A 223 -2.20 -1.02 -15.28
C GLU A 223 -1.14 -0.71 -14.24
N VAL A 224 0.05 -0.32 -14.72
CA VAL A 224 1.17 0.10 -13.89
C VAL A 224 0.80 1.28 -13.01
N ILE A 225 0.06 2.24 -13.57
CA ILE A 225 -0.47 3.39 -12.83
C ILE A 225 -1.46 2.95 -11.74
N ALA A 226 -2.35 2.01 -12.09
CA ALA A 226 -3.32 1.47 -11.14
C ALA A 226 -2.65 0.71 -9.99
N GLY A 227 -1.57 0.01 -10.32
CA GLY A 227 -0.76 -0.68 -9.33
C GLY A 227 0.07 0.28 -8.51
N ALA A 228 0.34 1.46 -9.08
CA ALA A 228 1.10 2.50 -8.39
C ALA A 228 0.22 3.26 -7.41
N ASN A 229 -0.99 3.61 -7.84
CA ASN A 229 -1.87 4.48 -7.06
C ASN A 229 -2.43 3.86 -5.79
N ALA A 230 -2.46 2.54 -5.74
CA ALA A 230 -2.89 1.83 -4.54
C ALA A 230 -1.70 1.30 -3.73
N GLN A 231 -0.60 2.06 -3.72
CA GLN A 231 0.64 1.63 -3.06
C GLN A 231 1.05 2.52 -1.87
N GLY A 232 0.14 3.39 -1.45
CA GLY A 232 0.41 4.29 -0.33
C GLY A 232 1.27 5.47 -0.73
N LEU A 233 1.07 5.96 -1.95
CA LEU A 233 1.80 7.11 -2.47
C LEU A 233 1.24 8.39 -1.87
N ALA A 234 2.13 9.34 -1.60
CA ALA A 234 1.76 10.65 -1.05
C ALA A 234 0.89 11.45 -2.02
N THR A 235 1.20 11.35 -3.31
CA THR A 235 0.45 12.03 -4.36
C THR A 235 0.15 11.08 -5.54
N PHE A 236 -1.11 11.06 -5.96
CA PHE A 236 -1.61 10.13 -6.99
C PHE A 236 -1.05 10.40 -8.37
N ILE A 237 -0.56 9.35 -9.02
CA ILE A 237 -0.17 9.44 -10.44
C ILE A 237 -1.43 9.43 -11.26
N ALA A 238 -1.65 10.51 -11.99
CA ALA A 238 -2.80 10.62 -12.87
C ALA A 238 -2.47 9.88 -14.15
N ASP A 239 -3.50 9.33 -14.81
CA ASP A 239 -3.35 8.99 -16.23
C ASP A 239 -3.44 10.28 -17.03
N GLY A 240 -2.89 10.26 -18.23
CA GLY A 240 -2.50 11.49 -18.90
C GLY A 240 -0.98 11.52 -18.82
N TYR A 241 -0.42 10.98 -17.74
CA TYR A 241 1.01 10.63 -17.69
C TYR A 241 1.33 9.57 -18.76
N VAL A 242 0.29 8.85 -19.19
CA VAL A 242 0.33 7.95 -20.35
C VAL A 242 0.67 8.74 -21.60
N ASP A 243 -0.19 9.71 -21.93
CA ASP A 243 -0.04 10.58 -23.11
C ASP A 243 1.34 11.20 -23.16
N ASP A 244 1.88 11.46 -21.97
CA ASP A 244 3.17 12.08 -21.80
C ASP A 244 4.37 11.14 -22.01
N MET A 245 4.20 9.82 -21.83
CA MET A 245 5.32 8.89 -22.10
C MET A 245 5.15 8.35 -23.54
N LEU A 246 3.92 8.44 -24.05
CA LEU A 246 3.61 8.09 -25.43
C LEU A 246 4.34 9.08 -26.34
N GLU A 247 4.22 10.38 -26.03
CA GLU A 247 4.85 11.44 -26.80
C GLU A 247 6.36 11.56 -26.54
N PHE A 248 6.77 11.26 -25.31
CA PHE A 248 8.19 11.31 -24.90
C PHE A 248 9.03 10.30 -25.65
N THR A 249 8.52 9.06 -25.74
CA THR A 249 9.23 7.96 -26.40
C THR A 249 9.27 8.15 -27.92
N ASP A 250 8.37 8.98 -28.43
CA ASP A 250 8.26 9.30 -29.85
C ASP A 250 9.37 10.24 -30.35
N ALA A 251 10.12 10.81 -29.41
CA ALA A 251 11.25 11.69 -29.73
C ALA A 251 12.59 10.95 -29.65
N MET A 252 12.53 9.63 -29.55
CA MET A 252 13.71 8.81 -29.30
C MET A 252 14.18 8.13 -30.55
N GLY A 253 13.41 8.25 -31.63
CA GLY A 253 13.69 7.61 -32.90
C GLY A 253 13.81 6.10 -32.76
N GLU A 254 14.91 5.56 -33.30
CA GLU A 254 15.15 4.13 -33.38
C GLU A 254 15.92 3.60 -32.17
N TYR A 255 15.34 3.73 -30.98
CA TYR A 255 16.04 3.40 -29.74
C TYR A 255 15.77 1.98 -29.23
N LYS A 256 16.83 1.25 -28.94
CA LYS A 256 16.72 -0.12 -28.45
C LYS A 256 17.06 -0.17 -26.97
N PRO A 257 16.04 -0.36 -26.10
CA PRO A 257 16.14 -0.35 -24.65
C PRO A 257 17.12 -1.38 -24.10
N SER A 258 17.50 -1.22 -22.84
CA SER A 258 18.52 -2.05 -22.19
C SER A 258 18.23 -3.55 -22.25
N MET A 259 16.97 -3.92 -22.03
CA MET A 259 16.53 -5.32 -22.02
C MET A 259 16.64 -6.01 -23.37
N GLU A 260 16.36 -5.26 -24.45
CA GLU A 260 16.47 -5.77 -25.82
C GLU A 260 17.95 -6.02 -26.16
N ILE A 261 18.81 -5.10 -25.75
CA ILE A 261 20.26 -5.22 -25.95
C ILE A 261 20.80 -6.46 -25.22
N ASP A 262 20.34 -6.66 -23.99
CA ASP A 262 20.70 -7.84 -23.20
C ASP A 262 20.23 -9.14 -23.84
N ARG A 263 19.05 -9.11 -24.46
CA ARG A 263 18.49 -10.23 -25.22
C ARG A 263 19.36 -10.54 -26.45
N GLU A 264 19.77 -9.51 -27.18
CA GLU A 264 20.65 -9.64 -28.35
C GLU A 264 22.03 -10.25 -28.02
N GLU A 265 22.59 -9.83 -26.88
CA GLU A 265 23.87 -10.35 -26.40
C GLU A 265 23.72 -11.68 -25.66
N GLY A 266 22.47 -12.07 -25.41
CA GLY A 266 22.17 -13.35 -24.76
C GLY A 266 22.48 -13.41 -23.28
N ARG A 267 22.61 -12.25 -22.64
CA ARG A 267 22.81 -12.21 -21.20
C ARG A 267 21.45 -12.14 -20.49
N PRO A 268 21.38 -12.55 -19.20
CA PRO A 268 20.09 -12.62 -18.49
C PRO A 268 19.35 -11.28 -18.35
N LEU A 269 18.04 -11.36 -18.14
CA LEU A 269 17.19 -10.18 -18.11
C LEU A 269 16.70 -9.87 -16.70
N GLU A 270 16.40 -8.60 -16.47
CA GLU A 270 15.94 -8.12 -15.17
C GLU A 270 14.42 -8.23 -15.01
N ILE A 271 13.87 -9.41 -15.31
CA ILE A 271 12.42 -9.65 -15.22
C ILE A 271 11.92 -9.51 -13.80
N ALA A 272 12.66 -10.08 -12.84
CA ALA A 272 12.27 -10.11 -11.43
C ALA A 272 11.95 -8.73 -10.89
N ALA A 273 12.91 -7.80 -11.01
CA ALA A 273 12.76 -6.45 -10.48
C ALA A 273 11.81 -5.54 -11.27
N ILE A 274 11.89 -5.59 -12.60
CA ILE A 274 11.04 -4.75 -13.44
C ILE A 274 9.56 -5.22 -13.47
N PHE A 275 9.34 -6.53 -13.51
CA PHE A 275 8.01 -7.09 -13.73
C PHE A 275 7.41 -7.84 -12.55
N ARG A 276 8.12 -8.84 -12.03
CA ARG A 276 7.54 -9.75 -11.04
C ARG A 276 7.34 -9.11 -9.66
N THR A 277 8.27 -8.23 -9.28
CA THR A 277 8.17 -7.44 -8.04
C THR A 277 7.00 -6.42 -8.06
N PRO A 278 6.87 -5.57 -9.11
CA PRO A 278 5.67 -4.74 -9.18
C PRO A 278 4.36 -5.52 -9.23
N LEU A 279 4.32 -6.61 -10.00
CA LEU A 279 3.14 -7.48 -10.06
C LEU A 279 2.82 -8.03 -8.69
N ALA A 280 3.86 -8.46 -7.96
CA ALA A 280 3.74 -8.82 -6.54
C ALA A 280 3.13 -7.69 -5.71
N TYR A 281 3.68 -6.48 -5.85
CA TYR A 281 3.19 -5.31 -5.11
C TYR A 281 1.74 -4.94 -5.39
N GLY A 282 1.31 -5.15 -6.63
CA GLY A 282 -0.08 -4.91 -7.02
C GLY A 282 -1.03 -5.99 -6.53
N ALA A 283 -0.56 -7.24 -6.53
CA ALA A 283 -1.36 -8.39 -6.10
C ALA A 283 -1.56 -8.37 -4.59
N ARG A 284 -0.54 -7.89 -3.88
CA ARG A 284 -0.56 -7.66 -2.43
C ARG A 284 -1.69 -6.72 -2.01
N GLU A 285 -2.01 -5.77 -2.89
CA GLU A 285 -3.11 -4.84 -2.68
C GLU A 285 -4.33 -5.26 -3.49
N GLY A 286 -4.17 -6.32 -4.28
CA GLY A 286 -5.26 -6.87 -5.09
C GLY A 286 -5.64 -6.00 -6.27
N ILE A 287 -4.73 -5.91 -7.25
CA ILE A 287 -4.97 -5.14 -8.48
C ILE A 287 -4.84 -6.05 -9.70
N ALA A 288 -5.86 -6.01 -10.56
CA ALA A 288 -5.87 -6.75 -11.81
C ALA A 288 -4.85 -6.15 -12.77
N MET A 289 -3.82 -6.92 -13.07
CA MET A 289 -2.81 -6.53 -14.05
C MET A 289 -2.55 -7.66 -15.07
N PRO A 290 -3.53 -7.92 -15.97
CA PRO A 290 -3.40 -9.05 -16.90
C PRO A 290 -2.30 -8.89 -17.94
N ARG A 291 -2.09 -7.66 -18.38
CA ARG A 291 -1.14 -7.39 -19.47
C ARG A 291 0.30 -7.49 -18.99
N VAL A 292 0.58 -6.87 -17.85
CA VAL A 292 1.91 -6.98 -17.22
C VAL A 292 2.22 -8.46 -16.99
N GLU A 293 1.19 -9.23 -16.65
CA GLU A 293 1.39 -10.64 -16.32
C GLU A 293 1.73 -11.46 -17.51
N MET A 294 0.91 -11.32 -18.55
CA MET A 294 1.14 -11.95 -19.82
C MET A 294 2.52 -11.59 -20.33
N LEU A 295 2.87 -10.30 -20.29
CA LEU A 295 4.19 -9.83 -20.70
C LEU A 295 5.34 -10.49 -19.93
N ALA A 296 5.31 -10.38 -18.59
CA ALA A 296 6.32 -10.99 -17.74
C ALA A 296 6.55 -12.45 -18.10
N THR A 297 5.44 -13.18 -18.23
CA THR A 297 5.44 -14.61 -18.54
C THR A 297 5.98 -14.91 -19.95
N LEU A 298 5.43 -14.24 -20.97
CA LEU A 298 5.92 -14.42 -22.35
C LEU A 298 7.40 -14.08 -22.43
N LEU A 299 7.85 -13.22 -21.51
CA LEU A 299 9.21 -12.77 -21.58
C LEU A 299 10.17 -13.79 -20.95
N GLU A 300 9.71 -14.51 -19.95
CA GLU A 300 10.50 -15.63 -19.41
C GLU A 300 10.35 -16.92 -20.26
N GLN A 301 9.28 -17.02 -21.05
CA GLN A 301 9.13 -18.10 -22.04
C GLN A 301 10.14 -18.01 -23.17
N ALA A 302 10.39 -16.79 -23.64
CA ALA A 302 11.30 -16.58 -24.76
C ALA A 302 12.76 -16.71 -24.36
N THR A 303 13.06 -16.45 -23.09
CA THR A 303 14.43 -16.58 -22.58
C THR A 303 14.56 -17.68 -21.53
N GLY A 304 14.17 -18.88 -21.93
CA GLY A 304 14.38 -20.09 -21.13
C GLY A 304 14.97 -21.16 -22.01
N GLU A 305 14.22 -21.49 -23.08
CA GLU A 305 14.64 -22.40 -24.16
C GLU A 305 15.12 -23.77 -23.68
N LEU B 3 -9.04 11.12 -53.84
CA LEU B 3 -8.61 12.46 -53.35
C LEU B 3 -7.29 12.88 -53.99
N ARG B 4 -7.29 14.03 -54.67
CA ARG B 4 -6.08 14.52 -55.34
C ARG B 4 -5.41 15.72 -54.69
N ILE B 5 -4.08 15.63 -54.63
CA ILE B 5 -3.23 16.48 -53.80
C ILE B 5 -2.13 17.15 -54.62
N ALA B 6 -1.83 18.41 -54.30
CA ALA B 6 -0.61 19.07 -54.76
C ALA B 6 0.36 19.24 -53.58
N ILE B 7 1.64 18.99 -53.84
CA ILE B 7 2.68 19.27 -52.85
C ILE B 7 3.51 20.47 -53.31
N VAL B 8 3.22 21.62 -52.71
CA VAL B 8 3.97 22.84 -53.02
C VAL B 8 5.00 23.07 -51.92
N GLY B 9 6.25 22.79 -52.25
CA GLY B 9 7.33 22.94 -51.30
C GLY B 9 8.43 21.92 -51.52
N ALA B 10 8.03 20.64 -51.59
CA ALA B 10 8.94 19.50 -51.46
C ALA B 10 9.71 19.61 -50.14
N GLY B 11 11.00 19.30 -50.16
CA GLY B 11 11.81 19.32 -48.95
C GLY B 11 11.56 18.06 -48.13
N ALA B 12 12.20 17.99 -46.96
CA ALA B 12 12.12 16.82 -46.09
C ALA B 12 10.70 16.56 -45.61
N LEU B 13 9.95 17.63 -45.37
CA LEU B 13 8.60 17.57 -44.83
C LEU B 13 7.57 17.24 -45.92
N GLY B 14 7.63 17.99 -47.02
CA GLY B 14 6.66 17.88 -48.11
C GLY B 14 6.71 16.57 -48.86
N LEU B 15 7.93 16.10 -49.13
CA LEU B 15 8.12 14.84 -49.83
C LEU B 15 7.76 13.64 -48.96
N TYR B 16 8.04 13.71 -47.66
CA TYR B 16 7.75 12.61 -46.73
C TYR B 16 6.26 12.31 -46.59
N TYR B 17 5.47 13.34 -46.32
CA TYR B 17 4.01 13.18 -46.22
C TYR B 17 3.39 12.96 -47.58
N GLY B 18 4.00 13.54 -48.61
CA GLY B 18 3.60 13.31 -49.99
C GLY B 18 3.78 11.86 -50.40
N ALA B 19 4.88 11.27 -49.96
CA ALA B 19 5.23 9.87 -50.25
C ALA B 19 4.29 8.90 -49.57
N LEU B 20 3.98 9.19 -48.30
CA LEU B 20 3.12 8.32 -47.50
C LEU B 20 1.67 8.35 -47.98
N LEU B 21 1.26 9.49 -48.53
CA LEU B 21 -0.08 9.64 -49.08
C LEU B 21 -0.33 8.81 -50.34
N GLN B 22 0.63 8.82 -51.27
CA GLN B 22 0.48 8.02 -52.49
C GLN B 22 0.73 6.53 -52.28
N ARG B 23 1.43 6.19 -51.20
CA ARG B 23 1.67 4.79 -50.83
C ARG B 23 0.40 4.15 -50.28
N SER B 24 -0.48 4.97 -49.70
CA SER B 24 -1.80 4.49 -49.25
C SER B 24 -2.89 4.82 -50.29
N GLY B 25 -2.47 5.02 -51.54
CA GLY B 25 -3.36 5.17 -52.67
C GLY B 25 -4.08 6.50 -52.76
N GLU B 26 -3.30 7.58 -52.85
CA GLU B 26 -3.87 8.90 -53.08
C GLU B 26 -3.17 9.53 -54.28
N ASP B 27 -3.93 10.27 -55.09
CA ASP B 27 -3.40 10.91 -56.28
C ASP B 27 -2.57 12.13 -55.91
N VAL B 28 -1.25 11.94 -55.83
CA VAL B 28 -0.35 13.00 -55.36
C VAL B 28 0.47 13.58 -56.51
N HIS B 29 0.30 14.88 -56.72
CA HIS B 29 0.99 15.61 -57.78
C HIS B 29 2.08 16.50 -57.18
N PHE B 30 3.32 16.05 -57.29
CA PHE B 30 4.47 16.77 -56.77
C PHE B 30 4.90 17.93 -57.67
N LEU B 31 5.22 19.06 -57.04
CA LEU B 31 5.81 20.19 -57.76
C LEU B 31 7.26 20.35 -57.33
N LEU B 32 8.18 20.01 -58.24
CA LEU B 32 9.62 20.05 -57.95
C LEU B 32 10.33 21.17 -58.71
N ARG B 33 11.45 21.64 -58.15
CA ARG B 33 12.33 22.55 -58.85
C ARG B 33 13.73 21.94 -59.03
N ARG B 34 14.41 21.70 -57.91
CA ARG B 34 15.81 21.24 -57.91
C ARG B 34 16.00 19.86 -58.53
N ASP B 35 15.21 18.88 -58.08
CA ASP B 35 15.33 17.51 -58.56
C ASP B 35 14.11 17.02 -59.35
N TYR B 36 13.81 17.70 -60.45
CA TYR B 36 12.76 17.25 -61.37
C TYR B 36 13.27 16.09 -62.23
N GLU B 37 14.49 16.24 -62.74
CA GLU B 37 15.11 15.26 -63.63
C GLU B 37 15.57 13.99 -62.91
N ALA B 38 15.87 14.13 -61.61
CA ALA B 38 16.34 13.00 -60.80
C ALA B 38 15.18 12.18 -60.21
N ILE B 39 13.98 12.76 -60.20
CA ILE B 39 12.79 12.08 -59.70
C ILE B 39 11.96 11.47 -60.83
N ALA B 40 11.77 12.22 -61.91
CA ALA B 40 11.04 11.72 -63.09
C ALA B 40 11.79 10.58 -63.77
N GLY B 41 13.12 10.64 -63.75
CA GLY B 41 13.97 9.61 -64.33
C GLY B 41 14.13 8.37 -63.46
N ASN B 42 14.14 8.56 -62.14
CA ASN B 42 14.35 7.46 -61.20
C ASN B 42 13.16 7.14 -60.30
N GLY B 43 12.71 8.13 -59.54
CA GLY B 43 11.70 7.95 -58.50
C GLY B 43 12.23 8.52 -57.21
N LEU B 44 11.41 8.53 -56.16
CA LEU B 44 11.87 8.98 -54.86
C LEU B 44 12.02 7.84 -53.86
N LYS B 45 13.16 7.82 -53.19
CA LYS B 45 13.47 6.80 -52.19
C LYS B 45 13.25 7.37 -50.80
N VAL B 46 12.38 6.73 -50.02
CA VAL B 46 12.18 7.09 -48.63
C VAL B 46 13.01 6.17 -47.75
N PHE B 47 13.95 6.76 -47.03
CA PHE B 47 14.74 6.03 -46.04
C PHE B 47 14.16 6.34 -44.65
N SER B 48 13.52 5.35 -44.05
CA SER B 48 12.81 5.58 -42.79
C SER B 48 13.26 4.66 -41.66
N ILE B 49 13.02 5.10 -40.42
CA ILE B 49 13.24 4.25 -39.25
C ILE B 49 12.08 3.26 -39.07
N ASN B 50 10.95 3.55 -39.71
CA ASN B 50 9.83 2.61 -39.78
C ASN B 50 9.85 1.80 -41.09
N GLY B 51 11.06 1.44 -41.54
CA GLY B 51 11.25 0.68 -42.76
C GLY B 51 11.29 1.54 -44.01
N ASP B 52 12.31 1.32 -44.83
CA ASP B 52 12.47 2.05 -46.10
C ASP B 52 11.47 1.56 -47.13
N PHE B 53 11.10 2.46 -48.04
CA PHE B 53 10.32 2.10 -49.23
C PHE B 53 10.63 3.07 -50.37
N THR B 54 10.52 2.59 -51.61
CA THR B 54 10.76 3.44 -52.77
C THR B 54 9.52 3.52 -53.66
N LEU B 55 9.30 4.68 -54.25
CA LEU B 55 8.24 4.85 -55.22
C LEU B 55 8.88 4.97 -56.60
N PRO B 56 8.67 3.95 -57.45
CA PRO B 56 9.28 3.87 -58.79
C PRO B 56 8.77 4.97 -59.71
N HIS B 57 7.45 5.13 -59.78
CA HIS B 57 6.85 6.21 -60.54
CA HIS B 57 6.85 6.21 -60.54
C HIS B 57 6.24 7.26 -59.62
N VAL B 58 6.51 8.53 -59.95
CA VAL B 58 6.01 9.67 -59.19
C VAL B 58 5.50 10.71 -60.20
N LYS B 59 4.25 11.18 -59.99
CA LYS B 59 3.67 12.22 -60.85
C LYS B 59 4.26 13.61 -60.55
N GLY B 60 5.34 13.94 -61.26
CA GLY B 60 6.11 15.16 -60.99
C GLY B 60 6.00 16.26 -62.02
N TYR B 61 5.89 17.50 -61.54
CA TYR B 61 5.71 18.67 -62.39
C TYR B 61 6.71 19.76 -62.02
N ARG B 62 7.03 20.65 -62.96
CA ARG B 62 7.96 21.75 -62.69
C ARG B 62 7.30 23.14 -62.80
N ALA B 63 6.01 23.14 -63.11
CA ALA B 63 5.20 24.37 -63.15
C ALA B 63 3.79 24.08 -62.63
N PRO B 64 3.26 24.96 -61.75
CA PRO B 64 1.94 24.77 -61.11
C PRO B 64 0.74 24.73 -62.07
N GLU B 65 0.86 25.42 -63.20
CA GLU B 65 -0.20 25.49 -64.21
C GLU B 65 -0.41 24.17 -64.97
N GLU B 66 0.61 23.31 -64.96
CA GLU B 66 0.54 21.99 -65.58
C GLU B 66 -0.32 21.03 -64.76
N ILE B 67 -0.33 21.23 -63.45
CA ILE B 67 -1.09 20.40 -62.51
C ILE B 67 -2.60 20.68 -62.63
N GLY B 68 -2.96 21.97 -62.67
CA GLY B 68 -4.35 22.39 -62.72
C GLY B 68 -4.97 22.45 -61.34
N PRO B 69 -6.31 22.60 -61.27
CA PRO B 69 -7.03 22.69 -60.00
C PRO B 69 -6.93 21.39 -59.19
N MET B 70 -6.81 21.54 -57.87
CA MET B 70 -6.66 20.40 -56.96
C MET B 70 -7.69 20.43 -55.82
N ASP B 71 -7.98 19.26 -55.26
CA ASP B 71 -8.88 19.14 -54.12
C ASP B 71 -8.19 19.61 -52.84
N LEU B 72 -6.91 19.27 -52.72
CA LEU B 72 -6.11 19.64 -51.56
C LEU B 72 -4.72 20.07 -52.03
N VAL B 73 -4.10 20.98 -51.29
CA VAL B 73 -2.74 21.41 -51.56
C VAL B 73 -1.93 21.54 -50.26
N LEU B 74 -0.86 20.75 -50.17
CA LEU B 74 0.05 20.77 -49.03
C LEU B 74 1.19 21.74 -49.26
N VAL B 75 1.18 22.85 -48.53
CA VAL B 75 2.30 23.78 -48.55
C VAL B 75 3.30 23.40 -47.46
N GLY B 76 4.44 22.86 -47.89
CA GLY B 76 5.52 22.49 -46.98
C GLY B 76 6.77 23.31 -47.24
N LEU B 77 6.57 24.45 -47.92
CA LEU B 77 7.64 25.37 -48.29
C LEU B 77 8.39 25.94 -47.11
N LYS B 78 9.62 26.37 -47.36
CA LYS B 78 10.34 27.17 -46.40
C LYS B 78 9.79 28.59 -46.48
N THR B 79 9.65 29.23 -45.32
CA THR B 79 8.86 30.45 -45.19
C THR B 79 9.54 31.73 -45.71
N PHE B 80 10.80 31.64 -46.10
CA PHE B 80 11.46 32.76 -46.78
C PHE B 80 10.97 32.93 -48.23
N ALA B 81 10.33 31.90 -48.76
CA ALA B 81 9.68 31.95 -50.07
C ALA B 81 8.15 32.07 -49.94
N ASN B 82 7.70 32.91 -49.01
CA ASN B 82 6.28 33.21 -48.84
C ASN B 82 5.76 34.28 -49.80
N SER B 83 6.68 34.99 -50.44
CA SER B 83 6.35 35.94 -51.50
C SER B 83 5.96 35.20 -52.78
N ARG B 84 6.29 33.92 -52.83
CA ARG B 84 6.00 33.05 -53.97
C ARG B 84 4.68 32.29 -53.82
N TYR B 85 3.87 32.66 -52.82
CA TYR B 85 2.56 32.03 -52.57
C TYR B 85 1.61 32.17 -53.74
N GLU B 86 1.54 33.38 -54.30
CA GLU B 86 0.62 33.69 -55.40
C GLU B 86 0.97 32.90 -56.66
N GLU B 87 2.23 32.96 -57.07
CA GLU B 87 2.67 32.32 -58.32
C GLU B 87 2.63 30.79 -58.32
N LEU B 88 2.80 30.18 -57.14
CA LEU B 88 2.89 28.72 -57.03
C LEU B 88 1.56 28.03 -56.72
N ILE B 89 0.59 28.77 -56.18
CA ILE B 89 -0.67 28.17 -55.68
C ILE B 89 -1.92 28.55 -56.49
N ARG B 90 -1.95 29.76 -57.05
CA ARG B 90 -3.09 30.24 -57.88
C ARG B 90 -3.70 29.26 -58.93
N PRO B 91 -2.86 28.57 -59.75
CA PRO B 91 -3.45 27.62 -60.71
C PRO B 91 -4.10 26.37 -60.10
N LEU B 92 -3.93 26.16 -58.80
CA LEU B 92 -4.51 24.99 -58.12
C LEU B 92 -5.82 25.32 -57.41
N VAL B 93 -6.25 26.59 -57.50
CA VAL B 93 -7.42 27.07 -56.76
C VAL B 93 -8.71 27.01 -57.58
N GLU B 94 -9.61 26.13 -57.15
CA GLU B 94 -10.95 26.00 -57.69
C GLU B 94 -11.91 26.22 -56.53
N GLU B 95 -13.20 26.46 -56.80
CA GLU B 95 -14.21 26.52 -55.75
C GLU B 95 -14.31 25.15 -55.08
N GLY B 96 -13.83 25.06 -53.85
CA GLY B 96 -13.79 23.80 -53.12
C GLY B 96 -12.39 23.36 -52.75
N THR B 97 -11.39 24.02 -53.32
CA THR B 97 -9.99 23.79 -52.98
C THR B 97 -9.73 24.22 -51.54
N GLN B 98 -9.08 23.34 -50.77
CA GLN B 98 -8.70 23.61 -49.39
C GLN B 98 -7.18 23.51 -49.24
N ILE B 99 -6.59 24.52 -48.61
CA ILE B 99 -5.13 24.62 -48.51
C ILE B 99 -4.61 24.22 -47.12
N LEU B 100 -3.67 23.29 -47.11
CA LEU B 100 -3.06 22.81 -45.88
C LEU B 100 -1.63 23.33 -45.76
N THR B 101 -1.30 23.84 -44.57
CA THR B 101 0.03 24.37 -44.30
C THR B 101 0.72 23.70 -43.12
N LEU B 102 1.91 23.19 -43.37
CA LEU B 102 2.69 22.45 -42.36
C LEU B 102 4.01 23.14 -42.03
N GLN B 103 4.21 24.34 -42.59
CA GLN B 103 5.45 25.11 -42.41
C GLN B 103 5.55 25.74 -41.01
N ASN B 104 6.78 25.96 -40.54
CA ASN B 104 7.03 26.37 -39.15
C ASN B 104 6.75 27.84 -38.84
N GLY B 105 6.36 28.10 -37.59
CA GLY B 105 6.14 29.46 -37.10
C GLY B 105 4.72 29.96 -37.34
N LEU B 106 4.55 31.28 -37.20
CA LEU B 106 3.27 31.94 -37.43
C LEU B 106 3.28 32.79 -38.69
N GLY B 107 2.10 33.33 -39.04
CA GLY B 107 1.96 34.25 -40.16
C GLY B 107 1.71 33.57 -41.50
N ASN B 108 1.70 32.24 -41.51
CA ASN B 108 1.53 31.47 -42.73
C ASN B 108 0.07 31.29 -43.12
N GLU B 109 -0.75 30.96 -42.13
CA GLU B 109 -2.20 30.80 -42.31
C GLU B 109 -2.87 32.12 -42.64
N GLU B 110 -2.36 33.19 -42.04
CA GLU B 110 -2.90 34.54 -42.18
C GLU B 110 -2.62 35.16 -43.55
N ALA B 111 -1.40 34.92 -44.06
CA ALA B 111 -0.99 35.44 -45.37
C ALA B 111 -1.61 34.66 -46.52
N LEU B 112 -2.02 33.42 -46.25
CA LEU B 112 -2.69 32.59 -47.24
C LEU B 112 -4.20 32.82 -47.28
N ALA B 113 -4.78 33.17 -46.13
CA ALA B 113 -6.20 33.50 -46.02
C ALA B 113 -6.52 34.81 -46.71
N THR B 114 -5.59 35.76 -46.61
CA THR B 114 -5.68 37.05 -47.28
C THR B 114 -5.53 36.86 -48.80
N LEU B 115 -4.77 35.85 -49.19
CA LEU B 115 -4.47 35.60 -50.60
C LEU B 115 -5.51 34.72 -51.31
N PHE B 116 -6.23 33.88 -50.56
CA PHE B 116 -7.15 32.92 -51.17
C PHE B 116 -8.53 32.80 -50.51
N GLY B 117 -8.58 32.88 -49.17
CA GLY B 117 -9.83 32.76 -48.44
C GLY B 117 -9.67 32.01 -47.13
N ALA B 118 -10.30 32.53 -46.07
CA ALA B 118 -10.11 32.02 -44.70
C ALA B 118 -10.66 30.62 -44.44
N GLU B 119 -11.76 30.28 -45.11
CA GLU B 119 -12.44 28.99 -44.93
C GLU B 119 -11.71 27.82 -45.59
N ARG B 120 -10.76 28.14 -46.48
CA ARG B 120 -9.97 27.14 -47.19
C ARG B 120 -8.76 26.68 -46.37
N ILE B 121 -8.35 27.51 -45.43
CA ILE B 121 -7.08 27.31 -44.74
C ILE B 121 -7.16 26.34 -43.56
N ILE B 122 -6.42 25.24 -43.67
CA ILE B 122 -6.21 24.30 -42.58
C ILE B 122 -4.74 24.41 -42.19
N GLY B 123 -4.49 24.51 -40.89
CA GLY B 123 -3.12 24.53 -40.36
C GLY B 123 -2.77 23.21 -39.70
N GLY B 124 -1.56 22.75 -39.96
CA GLY B 124 -1.08 21.50 -39.38
C GLY B 124 0.26 21.69 -38.70
N VAL B 125 0.28 21.52 -37.39
CA VAL B 125 1.51 21.56 -36.62
C VAL B 125 2.15 20.16 -36.63
N ALA B 126 3.26 20.04 -37.34
CA ALA B 126 3.91 18.76 -37.57
C ALA B 126 5.20 18.63 -36.76
N PHE B 127 5.38 17.46 -36.16
CA PHE B 127 6.57 17.17 -35.35
C PHE B 127 7.39 16.12 -36.11
N LEU B 128 8.33 16.58 -36.93
CA LEU B 128 9.04 15.69 -37.83
C LEU B 128 10.55 15.83 -37.73
N CYS B 129 11.23 14.73 -37.44
CA CYS B 129 12.68 14.67 -37.46
C CYS B 129 13.14 14.13 -38.83
N SER B 130 13.58 15.05 -39.69
CA SER B 130 14.01 14.69 -41.04
C SER B 130 15.01 15.68 -41.66
N ASN B 131 16.21 15.19 -41.93
CA ASN B 131 17.10 15.82 -42.89
C ASN B 131 16.87 15.12 -44.23
N ARG B 132 17.46 15.63 -45.31
CA ARG B 132 17.10 15.11 -46.64
C ARG B 132 18.20 15.17 -47.67
N GLY B 133 17.97 14.43 -48.75
CA GLY B 133 18.38 14.84 -50.09
C GLY B 133 19.79 14.80 -50.61
N GLU B 134 20.07 13.74 -51.35
CA GLU B 134 20.85 13.88 -52.56
C GLU B 134 19.84 13.58 -53.66
N PRO B 135 19.59 14.57 -54.55
CA PRO B 135 18.42 14.77 -55.40
C PRO B 135 17.43 13.61 -55.52
N GLY B 136 16.39 13.65 -54.66
CA GLY B 136 15.30 12.68 -54.71
C GLY B 136 15.28 11.65 -53.59
N GLU B 137 15.85 12.00 -52.45
CA GLU B 137 15.91 11.10 -51.28
C GLU B 137 15.40 11.79 -50.02
N VAL B 138 14.65 11.07 -49.21
CA VAL B 138 14.12 11.60 -47.93
C VAL B 138 14.61 10.71 -46.79
N HIS B 139 15.10 11.33 -45.72
CA HIS B 139 15.56 10.59 -44.53
C HIS B 139 14.69 10.85 -43.29
N HIS B 140 13.79 9.92 -43.01
CA HIS B 140 12.95 9.96 -41.81
C HIS B 140 13.76 9.47 -40.62
N LEU B 141 13.90 10.33 -39.62
CA LEU B 141 14.75 10.02 -38.47
C LEU B 141 13.97 9.83 -37.17
N GLY B 142 12.74 10.32 -37.14
CA GLY B 142 11.92 10.25 -35.94
C GLY B 142 10.55 10.89 -36.05
N ALA B 143 9.65 10.44 -35.16
CA ALA B 143 8.28 10.95 -35.02
C ALA B 143 7.51 11.07 -36.34
N GLY B 144 6.75 12.16 -36.49
CA GLY B 144 5.99 12.40 -37.71
C GLY B 144 4.56 12.85 -37.47
N ARG B 145 4.16 12.90 -36.19
CA ARG B 145 2.76 13.22 -35.84
C ARG B 145 2.32 14.63 -36.23
N ILE B 146 1.04 14.74 -36.58
CA ILE B 146 0.44 15.99 -37.01
C ILE B 146 -0.76 16.30 -36.12
N ILE B 147 -0.96 17.57 -35.80
CA ILE B 147 -2.19 18.02 -35.16
C ILE B 147 -2.87 19.01 -36.10
N LEU B 148 -4.08 18.67 -36.54
CA LEU B 148 -4.81 19.48 -37.51
C LEU B 148 -5.80 20.42 -36.87
N GLY B 149 -5.83 21.65 -37.39
CA GLY B 149 -6.78 22.67 -36.97
C GLY B 149 -7.11 23.61 -38.11
N GLU B 150 -8.36 24.07 -38.14
CA GLU B 150 -8.81 25.04 -39.14
C GLU B 150 -8.52 26.47 -38.69
N PHE B 151 -8.27 27.35 -39.67
CA PHE B 151 -8.01 28.77 -39.42
C PHE B 151 -9.28 29.47 -38.97
N LEU B 152 -10.30 29.42 -39.83
CA LEU B 152 -11.66 29.79 -39.42
C LEU B 152 -12.29 28.57 -38.77
N PRO B 153 -12.69 28.73 -37.50
CA PRO B 153 -12.71 27.67 -36.48
C PRO B 153 -13.85 26.65 -36.57
N ARG B 154 -14.67 26.75 -37.62
CA ARG B 154 -15.97 26.09 -37.59
C ARG B 154 -16.31 25.21 -38.80
N ASP B 155 -15.92 23.94 -38.67
CA ASP B 155 -16.83 22.80 -38.95
C ASP B 155 -16.07 21.49 -38.71
N THR B 156 -16.81 20.47 -38.29
CA THR B 156 -16.22 19.23 -37.78
C THR B 156 -15.64 18.32 -38.85
N GLY B 157 -16.35 18.17 -39.96
CA GLY B 157 -16.14 17.05 -40.89
C GLY B 157 -14.83 17.07 -41.63
N ARG B 158 -14.41 18.26 -42.06
CA ARG B 158 -13.24 18.42 -42.91
C ARG B 158 -11.93 18.06 -42.22
N ILE B 159 -11.80 18.46 -40.96
CA ILE B 159 -10.61 18.17 -40.15
C ILE B 159 -10.52 16.67 -39.84
N GLU B 160 -11.66 16.04 -39.57
CA GLU B 160 -11.75 14.60 -39.32
C GLU B 160 -11.47 13.75 -40.55
N GLU B 161 -11.96 14.17 -41.72
CA GLU B 161 -11.71 13.50 -42.99
C GLU B 161 -10.22 13.55 -43.37
N LEU B 162 -9.58 14.66 -43.07
CA LEU B 162 -8.15 14.85 -43.29
C LEU B 162 -7.30 14.08 -42.29
N ALA B 163 -7.72 14.07 -41.02
CA ALA B 163 -7.01 13.33 -39.97
C ALA B 163 -7.04 11.82 -40.23
N ALA B 164 -8.22 11.32 -40.62
CA ALA B 164 -8.38 9.91 -40.99
C ALA B 164 -7.54 9.55 -42.21
N MET B 165 -7.41 10.49 -43.16
CA MET B 165 -6.61 10.30 -44.37
C MET B 165 -5.12 10.12 -44.05
N PHE B 166 -4.62 10.94 -43.13
CA PHE B 166 -3.24 10.81 -42.66
C PHE B 166 -3.05 9.55 -41.84
N ARG B 167 -4.07 9.17 -41.07
CA ARG B 167 -4.06 7.91 -40.32
C ARG B 167 -4.10 6.67 -41.22
N GLN B 168 -4.77 6.80 -42.37
CA GLN B 168 -4.77 5.76 -43.41
C GLN B 168 -3.37 5.60 -44.03
N ALA B 169 -2.62 6.69 -44.04
CA ALA B 169 -1.26 6.72 -44.59
C ALA B 169 -0.22 6.31 -43.55
N GLY B 170 -0.65 6.10 -42.30
CA GLY B 170 0.24 5.64 -41.24
C GLY B 170 0.83 6.74 -40.40
N VAL B 171 0.38 7.97 -40.63
CA VAL B 171 0.80 9.14 -39.85
C VAL B 171 -0.12 9.27 -38.64
N ASP B 172 0.49 9.34 -37.45
CA ASP B 172 -0.25 9.62 -36.22
C ASP B 172 -0.85 11.01 -36.32
N CYS B 173 -2.17 11.11 -36.29
CA CYS B 173 -2.86 12.36 -36.54
C CYS B 173 -3.90 12.70 -35.47
N ARG B 174 -3.94 13.97 -35.08
CA ARG B 174 -4.84 14.44 -34.04
C ARG B 174 -5.63 15.66 -34.52
N THR B 175 -6.75 15.93 -33.85
CA THR B 175 -7.64 17.05 -34.17
C THR B 175 -7.76 17.96 -32.95
N THR B 176 -7.65 19.28 -33.18
CA THR B 176 -7.88 20.25 -32.11
C THR B 176 -8.80 21.42 -32.52
N ASP B 177 -9.39 22.06 -31.52
CA ASP B 177 -10.27 23.21 -31.72
C ASP B 177 -9.48 24.52 -31.76
N ASP B 178 -8.29 24.51 -31.17
CA ASP B 178 -7.45 25.70 -31.05
C ASP B 178 -6.15 25.54 -31.81
N LEU B 179 -6.14 26.02 -33.06
CA LEU B 179 -4.96 25.99 -33.92
C LEU B 179 -3.88 26.95 -33.44
N LYS B 180 -4.34 28.09 -32.93
CA LYS B 180 -3.47 29.17 -32.44
C LYS B 180 -2.59 28.66 -31.31
N ARG B 181 -3.21 28.01 -30.33
CA ARG B 181 -2.53 27.49 -29.14
C ARG B 181 -1.47 26.44 -29.48
N ALA B 182 -1.82 25.53 -30.37
CA ALA B 182 -0.93 24.45 -30.80
C ALA B 182 0.29 24.96 -31.58
N ARG B 183 0.08 26.01 -32.37
CA ARG B 183 1.17 26.72 -33.07
C ARG B 183 2.11 27.39 -32.06
N TRP B 184 1.51 28.01 -31.05
CA TRP B 184 2.26 28.64 -29.98
C TRP B 184 2.94 27.63 -29.07
N GLU B 185 2.32 26.46 -28.88
CA GLU B 185 2.93 25.35 -28.14
C GLU B 185 4.16 24.78 -28.82
N LYS B 186 4.17 24.76 -30.16
CA LYS B 186 5.32 24.34 -30.93
C LYS B 186 6.42 25.39 -30.89
N LEU B 187 6.01 26.65 -30.82
CA LEU B 187 6.92 27.80 -30.72
C LEU B 187 7.80 27.77 -29.47
N VAL B 188 7.24 27.23 -28.38
CA VAL B 188 7.95 27.05 -27.11
C VAL B 188 9.17 26.14 -27.27
N TRP B 189 9.09 25.19 -28.18
CA TRP B 189 10.25 24.36 -28.50
C TRP B 189 11.06 24.98 -29.63
N ASN B 190 10.37 25.43 -30.68
CA ASN B 190 11.00 25.97 -31.90
C ASN B 190 11.95 27.14 -31.65
N ILE B 191 11.46 28.16 -30.97
CA ILE B 191 12.24 29.39 -30.72
C ILE B 191 13.60 29.20 -29.99
N PRO B 192 13.62 28.58 -28.78
CA PRO B 192 14.95 28.34 -28.21
C PRO B 192 15.83 27.35 -28.97
N PHE B 193 15.26 26.23 -29.38
CA PHE B 193 16.07 25.17 -29.96
C PHE B 193 16.48 25.36 -31.43
N ASN B 194 15.62 25.95 -32.26
CA ASN B 194 16.08 26.30 -33.60
C ASN B 194 16.98 27.54 -33.59
N GLY B 195 16.73 28.44 -32.63
CA GLY B 195 17.48 29.66 -32.51
C GLY B 195 18.91 29.49 -32.02
N LEU B 196 19.06 28.93 -30.83
CA LEU B 196 20.37 28.79 -30.19
C LEU B 196 21.27 27.81 -30.93
N CYS B 197 20.66 26.79 -31.51
CA CYS B 197 21.40 25.73 -32.18
C CYS B 197 21.95 26.17 -33.53
N ALA B 198 21.19 27.01 -34.24
CA ALA B 198 21.66 27.57 -35.50
C ALA B 198 22.74 28.61 -35.24
N LEU B 199 22.53 29.43 -34.21
CA LEU B 199 23.46 30.48 -33.83
C LEU B 199 24.80 29.91 -33.34
N LEU B 200 24.75 29.02 -32.36
CA LEU B 200 25.97 28.45 -31.77
C LEU B 200 26.59 27.35 -32.61
N GLN B 201 25.81 26.86 -33.57
CA GLN B 201 26.18 25.76 -34.47
C GLN B 201 26.48 24.49 -33.66
N GLN B 202 25.57 24.19 -32.75
CA GLN B 202 25.72 23.10 -31.79
C GLN B 202 24.38 22.37 -31.67
N PRO B 203 24.41 21.03 -31.65
CA PRO B 203 23.15 20.26 -31.48
C PRO B 203 22.54 20.42 -30.09
N VAL B 204 21.26 20.05 -29.96
CA VAL B 204 20.44 20.32 -28.77
C VAL B 204 21.01 19.80 -27.44
N ASN B 205 21.81 18.74 -27.50
CA ASN B 205 22.37 18.13 -26.31
C ASN B 205 23.44 18.98 -25.63
N LEU B 206 24.15 19.79 -26.41
CA LEU B 206 25.22 20.63 -25.90
C LEU B 206 24.67 21.91 -25.30
N ILE B 207 23.53 22.36 -25.81
CA ILE B 207 22.80 23.49 -25.24
C ILE B 207 22.20 23.06 -23.89
N LEU B 208 21.73 21.81 -23.84
CA LEU B 208 21.17 21.21 -22.63
C LEU B 208 22.18 20.74 -21.57
N ALA B 209 23.46 20.64 -21.95
CA ALA B 209 24.50 20.13 -21.05
C ALA B 209 24.96 21.14 -19.99
N ARG B 210 24.91 22.43 -20.30
CA ARG B 210 25.28 23.48 -19.37
C ARG B 210 24.08 24.02 -18.61
N ASP B 211 24.22 24.07 -17.28
CA ASP B 211 23.19 24.57 -16.36
C ASP B 211 22.69 25.98 -16.65
N VAL B 212 23.62 26.89 -16.96
CA VAL B 212 23.28 28.28 -17.26
C VAL B 212 22.61 28.42 -18.64
N SER B 213 22.97 27.52 -19.56
CA SER B 213 22.33 27.47 -20.87
C SER B 213 20.94 26.91 -20.76
N ARG B 214 20.75 25.90 -19.91
CA ARG B 214 19.43 25.39 -19.57
C ARG B 214 18.59 26.53 -19.02
N LYS B 215 19.16 27.24 -18.05
CA LYS B 215 18.55 28.42 -17.44
C LYS B 215 18.14 29.46 -18.48
N LEU B 216 19.01 29.78 -19.44
CA LEU B 216 18.64 30.62 -20.59
C LEU B 216 17.38 30.09 -21.28
N VAL B 217 17.43 28.82 -21.71
CA VAL B 217 16.33 28.12 -22.40
C VAL B 217 14.97 28.27 -21.71
N ARG B 218 14.93 28.04 -20.40
CA ARG B 218 13.72 28.26 -19.59
C ARG B 218 13.15 29.67 -19.80
N GLY B 219 14.01 30.68 -19.70
CA GLY B 219 13.59 32.07 -19.78
C GLY B 219 13.09 32.47 -21.14
N ILE B 220 13.71 31.91 -22.18
CA ILE B 220 13.22 32.06 -23.54
C ILE B 220 11.82 31.47 -23.61
N MET B 221 11.68 30.22 -23.17
CA MET B 221 10.40 29.51 -23.17
C MET B 221 9.27 30.24 -22.42
N LEU B 222 9.58 30.82 -21.26
CA LEU B 222 8.60 31.57 -20.47
C LEU B 222 8.15 32.87 -21.13
N GLU B 223 9.06 33.49 -21.88
CA GLU B 223 8.72 34.66 -22.68
C GLU B 223 7.76 34.30 -23.81
N VAL B 224 7.99 33.14 -24.43
CA VAL B 224 7.13 32.64 -25.51
C VAL B 224 5.72 32.34 -24.96
N ILE B 225 5.68 31.67 -23.82
CA ILE B 225 4.43 31.32 -23.13
C ILE B 225 3.59 32.56 -22.78
N ALA B 226 4.25 33.58 -22.25
CA ALA B 226 3.59 34.84 -21.91
C ALA B 226 2.97 35.53 -23.14
N GLY B 227 3.71 35.52 -24.26
CA GLY B 227 3.22 36.07 -25.52
C GLY B 227 2.10 35.24 -26.11
N ALA B 228 2.12 33.93 -25.83
CA ALA B 228 1.06 33.02 -26.23
C ALA B 228 -0.21 33.24 -25.40
N ASN B 229 -0.04 33.32 -24.08
CA ASN B 229 -1.17 33.41 -23.14
C ASN B 229 -2.00 34.68 -23.27
N ALA B 230 -1.38 35.74 -23.78
CA ALA B 230 -2.08 36.98 -24.05
C ALA B 230 -2.12 37.22 -25.56
N GLN B 231 -2.84 36.35 -26.27
CA GLN B 231 -2.98 36.43 -27.72
C GLN B 231 -4.42 36.12 -28.16
N GLY B 232 -5.20 35.57 -27.23
CA GLY B 232 -6.59 35.21 -27.50
C GLY B 232 -6.76 33.71 -27.57
N LEU B 233 -6.26 33.02 -26.54
CA LEU B 233 -6.31 31.57 -26.47
C LEU B 233 -7.55 31.08 -25.74
N ALA B 234 -8.10 29.96 -26.22
CA ALA B 234 -9.28 29.33 -25.60
C ALA B 234 -8.93 28.68 -24.27
N THR B 235 -7.71 28.17 -24.17
CA THR B 235 -7.20 27.59 -22.93
C THR B 235 -5.74 28.00 -22.71
N PHE B 236 -5.38 28.24 -21.44
CA PHE B 236 -4.07 28.78 -21.09
C PHE B 236 -2.94 27.74 -21.09
N ILE B 237 -1.79 28.14 -21.65
CA ILE B 237 -0.58 27.33 -21.64
C ILE B 237 0.15 27.54 -20.30
N ALA B 238 0.15 26.50 -19.48
CA ALA B 238 0.76 26.54 -18.14
C ALA B 238 2.28 26.61 -18.21
N ASP B 239 2.89 27.16 -17.16
CA ASP B 239 4.34 27.33 -17.10
C ASP B 239 5.11 26.03 -16.92
N GLY B 240 4.44 24.99 -16.42
CA GLY B 240 5.04 23.66 -16.26
C GLY B 240 5.46 23.03 -17.58
N TYR B 241 4.88 23.52 -18.67
CA TYR B 241 5.20 23.08 -20.04
C TYR B 241 6.68 23.30 -20.41
N VAL B 242 7.32 24.25 -19.74
CA VAL B 242 8.77 24.47 -19.85
C VAL B 242 9.53 23.21 -19.47
N ASP B 243 9.27 22.71 -18.26
CA ASP B 243 9.86 21.45 -17.75
C ASP B 243 9.53 20.25 -18.64
N ASP B 244 8.33 20.25 -19.22
CA ASP B 244 7.87 19.21 -20.13
C ASP B 244 8.70 19.19 -21.41
N MET B 245 8.87 20.34 -22.05
CA MET B 245 9.66 20.44 -23.29
C MET B 245 11.16 20.31 -23.05
N LEU B 246 11.59 20.57 -21.82
CA LEU B 246 12.98 20.42 -21.42
C LEU B 246 13.35 18.95 -21.31
N GLU B 247 12.48 18.16 -20.68
CA GLU B 247 12.65 16.71 -20.54
C GLU B 247 12.41 15.97 -21.86
N PHE B 248 11.58 16.56 -22.72
CA PHE B 248 11.27 16.02 -24.05
C PHE B 248 12.50 16.00 -24.94
N THR B 249 13.23 17.11 -24.98
CA THR B 249 14.41 17.30 -25.82
C THR B 249 15.60 16.49 -25.29
N ASP B 250 15.55 16.15 -24.00
CA ASP B 250 16.61 15.43 -23.31
C ASP B 250 16.75 13.98 -23.81
N ALA B 251 15.75 13.49 -24.54
CA ALA B 251 15.78 12.15 -25.10
C ALA B 251 15.82 12.16 -26.64
N MET B 252 16.30 13.25 -27.21
CA MET B 252 16.47 13.38 -28.66
C MET B 252 17.89 13.07 -29.10
N GLY B 253 18.78 12.86 -28.13
CA GLY B 253 20.19 12.60 -28.40
C GLY B 253 20.91 13.79 -29.04
N GLU B 254 21.68 13.49 -30.08
CA GLU B 254 22.51 14.49 -30.75
C GLU B 254 21.77 15.08 -31.95
N TYR B 255 20.56 15.60 -31.71
CA TYR B 255 19.74 16.10 -32.79
C TYR B 255 20.09 17.53 -33.20
N LYS B 256 20.28 17.73 -34.49
CA LYS B 256 20.47 19.06 -35.04
C LYS B 256 19.16 19.48 -35.71
N PRO B 257 18.49 20.51 -35.17
CA PRO B 257 17.21 20.99 -35.69
C PRO B 257 17.33 21.58 -37.09
N SER B 258 16.17 21.87 -37.70
CA SER B 258 16.10 22.26 -39.12
C SER B 258 16.90 23.51 -39.45
N MET B 259 16.68 24.58 -38.67
CA MET B 259 17.40 25.84 -38.83
C MET B 259 18.92 25.70 -38.78
N GLU B 260 19.43 24.85 -37.88
CA GLU B 260 20.87 24.57 -37.79
C GLU B 260 21.41 23.93 -39.08
N ILE B 261 20.64 23.02 -39.66
CA ILE B 261 21.01 22.34 -40.89
C ILE B 261 21.08 23.33 -42.06
N ASP B 262 20.11 24.23 -42.14
CA ASP B 262 20.08 25.32 -43.12
C ASP B 262 21.29 26.26 -43.01
N ARG B 263 21.68 26.58 -41.78
CA ARG B 263 22.88 27.35 -41.48
C ARG B 263 24.14 26.63 -41.97
N GLU B 264 24.20 25.32 -41.74
CA GLU B 264 25.31 24.47 -42.17
C GLU B 264 25.35 24.25 -43.68
N GLU B 265 24.20 24.39 -44.34
CA GLU B 265 24.08 24.14 -45.79
C GLU B 265 24.14 25.41 -46.64
N GLY B 266 24.25 26.56 -45.99
CA GLY B 266 24.39 27.84 -46.68
C GLY B 266 23.12 28.39 -47.31
N ARG B 267 21.98 27.79 -46.98
CA ARG B 267 20.68 28.30 -47.44
C ARG B 267 20.07 29.20 -46.36
N PRO B 268 19.22 30.18 -46.76
CA PRO B 268 18.62 31.12 -45.79
C PRO B 268 17.78 30.49 -44.67
N LEU B 269 17.51 31.25 -43.62
CA LEU B 269 16.81 30.74 -42.44
C LEU B 269 15.45 31.40 -42.25
N GLU B 270 14.56 30.68 -41.56
CA GLU B 270 13.18 31.11 -41.35
C GLU B 270 13.05 32.02 -40.14
N ILE B 271 13.79 33.14 -40.13
CA ILE B 271 13.78 34.07 -38.99
C ILE B 271 12.46 34.86 -38.90
N ALA B 272 11.89 35.19 -40.05
CA ALA B 272 10.67 36.00 -40.09
C ALA B 272 9.48 35.28 -39.45
N ALA B 273 9.27 34.02 -39.81
CA ALA B 273 8.11 33.26 -39.36
C ALA B 273 8.27 32.71 -37.95
N ILE B 274 9.47 32.21 -37.63
CA ILE B 274 9.72 31.62 -36.31
C ILE B 274 9.91 32.68 -35.21
N PHE B 275 10.52 33.82 -35.56
CA PHE B 275 10.89 34.83 -34.53
C PHE B 275 10.18 36.17 -34.60
N ARG B 276 10.29 36.85 -35.74
CA ARG B 276 9.83 38.24 -35.86
C ARG B 276 8.32 38.36 -35.76
N THR B 277 7.62 37.38 -36.33
CA THR B 277 6.17 37.35 -36.32
C THR B 277 5.58 37.10 -34.92
N PRO B 278 6.02 36.04 -34.20
CA PRO B 278 5.60 35.93 -32.79
C PRO B 278 5.96 37.15 -31.94
N LEU B 279 7.09 37.79 -32.24
CA LEU B 279 7.47 39.04 -31.57
C LEU B 279 6.51 40.17 -31.87
N ALA B 280 6.11 40.29 -33.14
CA ALA B 280 5.15 41.30 -33.58
C ALA B 280 3.80 41.10 -32.90
N TYR B 281 3.36 39.85 -32.82
CA TYR B 281 2.13 39.48 -32.13
C TYR B 281 2.21 39.72 -30.63
N GLY B 282 3.40 39.55 -30.07
CA GLY B 282 3.64 39.79 -28.65
C GLY B 282 3.69 41.26 -28.29
N ALA B 283 4.31 42.05 -29.16
CA ALA B 283 4.38 43.50 -29.00
C ALA B 283 3.06 44.19 -29.36
N ARG B 284 2.21 43.49 -30.10
CA ARG B 284 0.86 43.94 -30.42
C ARG B 284 0.01 44.01 -29.15
N GLU B 285 0.26 43.09 -28.22
CA GLU B 285 -0.45 43.05 -26.95
C GLU B 285 0.42 43.58 -25.80
N GLY B 286 1.61 44.04 -26.14
CA GLY B 286 2.53 44.68 -25.19
C GLY B 286 3.11 43.75 -24.13
N ILE B 287 3.79 42.71 -24.58
CA ILE B 287 4.46 41.77 -23.68
C ILE B 287 5.97 41.81 -23.90
N ALA B 288 6.71 41.95 -22.80
CA ALA B 288 8.17 41.95 -22.79
C ALA B 288 8.73 40.60 -23.25
N MET B 289 9.43 40.62 -24.38
CA MET B 289 10.13 39.43 -24.89
C MET B 289 11.56 39.77 -25.33
N PRO B 290 12.44 40.17 -24.37
CA PRO B 290 13.78 40.65 -24.72
C PRO B 290 14.73 39.57 -25.22
N ARG B 291 14.64 38.36 -24.67
CA ARG B 291 15.54 37.26 -25.03
C ARG B 291 15.26 36.73 -26.43
N VAL B 292 13.99 36.67 -26.81
CA VAL B 292 13.60 36.28 -28.16
C VAL B 292 14.13 37.30 -29.17
N GLU B 293 13.87 38.59 -28.89
CA GLU B 293 14.35 39.70 -29.72
C GLU B 293 15.85 39.72 -29.94
N MET B 294 16.59 39.49 -28.85
CA MET B 294 18.04 39.41 -28.88
C MET B 294 18.49 38.23 -29.73
N LEU B 295 17.84 37.09 -29.57
CA LEU B 295 18.11 35.88 -30.35
C LEU B 295 17.84 36.09 -31.83
N ALA B 296 16.68 36.69 -32.13
CA ALA B 296 16.27 37.03 -33.49
C ALA B 296 17.30 37.91 -34.20
N THR B 297 17.74 38.96 -33.51
CA THR B 297 18.69 39.94 -34.00
C THR B 297 20.07 39.32 -34.29
N LEU B 298 20.58 38.54 -33.34
CA LEU B 298 21.88 37.89 -33.46
C LEU B 298 21.91 36.88 -34.60
N LEU B 299 20.77 36.24 -34.81
CA LEU B 299 20.62 35.23 -35.83
C LEU B 299 20.76 35.83 -37.23
N GLU B 300 20.06 36.94 -37.48
CA GLU B 300 20.17 37.64 -38.77
C GLU B 300 21.45 38.47 -38.90
N GLN B 301 22.11 38.73 -37.76
CA GLN B 301 23.47 39.28 -37.77
C GLN B 301 24.50 38.24 -38.21
N ALA B 302 24.29 36.98 -37.80
CA ALA B 302 25.26 35.92 -37.99
C ALA B 302 25.32 35.42 -39.44
N THR B 303 24.17 35.43 -40.11
CA THR B 303 24.07 34.94 -41.47
C THR B 303 24.02 36.07 -42.50
N GLY B 304 23.65 37.25 -42.03
CA GLY B 304 23.45 38.38 -42.93
C GLY B 304 22.12 38.26 -43.64
N LEU C 3 -27.48 -19.16 5.44
CA LEU C 3 -26.59 -19.29 4.25
C LEU C 3 -25.99 -20.69 4.10
N ARG C 4 -25.39 -20.91 2.92
CA ARG C 4 -24.82 -22.20 2.55
C ARG C 4 -23.29 -22.19 2.72
N ILE C 5 -22.82 -23.01 3.66
CA ILE C 5 -21.43 -22.97 4.11
C ILE C 5 -20.69 -24.28 3.85
N ALA C 6 -19.47 -24.16 3.31
CA ALA C 6 -18.56 -25.30 3.20
C ALA C 6 -17.39 -25.14 4.14
N ILE C 7 -17.05 -26.20 4.85
CA ILE C 7 -15.88 -26.20 5.73
C ILE C 7 -14.74 -27.00 5.11
N VAL C 8 -13.68 -26.31 4.68
CA VAL C 8 -12.48 -27.00 4.19
C VAL C 8 -11.35 -26.90 5.22
N GLY C 9 -10.71 -28.02 5.48
CA GLY C 9 -9.75 -28.11 6.59
C GLY C 9 -10.53 -28.26 7.88
N ALA C 10 -10.89 -29.51 8.19
CA ALA C 10 -11.76 -29.81 9.32
C ALA C 10 -11.01 -30.16 10.62
N GLY C 11 -10.18 -29.22 11.10
CA GLY C 11 -9.45 -29.41 12.35
C GLY C 11 -10.28 -29.05 13.57
N ALA C 12 -9.64 -28.50 14.59
CA ALA C 12 -10.35 -28.17 15.84
C ALA C 12 -11.09 -26.83 15.73
N LEU C 13 -10.66 -25.99 14.80
CA LEU C 13 -11.24 -24.67 14.60
C LEU C 13 -12.44 -24.75 13.67
N GLY C 14 -12.25 -25.36 12.51
CA GLY C 14 -13.28 -25.47 11.48
C GLY C 14 -14.44 -26.38 11.85
N LEU C 15 -14.15 -27.42 12.62
CA LEU C 15 -15.20 -28.32 13.13
C LEU C 15 -16.00 -27.66 14.25
N TYR C 16 -15.36 -26.78 15.01
CA TYR C 16 -16.04 -26.08 16.10
C TYR C 16 -16.96 -24.98 15.58
N TYR C 17 -16.42 -24.11 14.74
CA TYR C 17 -17.20 -23.03 14.14
C TYR C 17 -18.25 -23.55 13.17
N GLY C 18 -17.94 -24.65 12.48
CA GLY C 18 -18.90 -25.31 11.59
C GLY C 18 -20.10 -25.87 12.32
N ALA C 19 -19.83 -26.45 13.50
CA ALA C 19 -20.87 -27.01 14.36
C ALA C 19 -21.79 -25.95 14.94
N LEU C 20 -21.21 -24.83 15.38
CA LEU C 20 -21.98 -23.74 15.99
C LEU C 20 -22.91 -23.05 15.01
N LEU C 21 -22.47 -22.97 13.75
CA LEU C 21 -23.26 -22.34 12.69
C LEU C 21 -24.49 -23.16 12.35
N GLN C 22 -24.33 -24.47 12.15
CA GLN C 22 -25.47 -25.34 11.85
C GLN C 22 -26.37 -25.60 13.06
N ARG C 23 -25.84 -25.35 14.27
CA ARG C 23 -26.63 -25.38 15.50
C ARG C 23 -27.57 -24.17 15.54
N SER C 24 -27.13 -23.04 14.99
CA SER C 24 -27.99 -21.85 14.90
C SER C 24 -28.84 -21.86 13.62
N GLY C 25 -28.84 -22.99 12.92
CA GLY C 25 -29.68 -23.19 11.74
C GLY C 25 -29.09 -22.64 10.47
N GLU C 26 -27.89 -23.11 10.13
CA GLU C 26 -27.26 -22.75 8.87
C GLU C 26 -26.93 -24.03 8.11
N ASP C 27 -26.84 -23.93 6.79
CA ASP C 27 -26.55 -25.09 5.96
C ASP C 27 -25.04 -25.31 5.85
N VAL C 28 -24.51 -26.15 6.73
CA VAL C 28 -23.07 -26.37 6.80
C VAL C 28 -22.67 -27.73 6.22
N HIS C 29 -21.80 -27.69 5.22
CA HIS C 29 -21.35 -28.88 4.51
C HIS C 29 -19.89 -29.14 4.83
N PHE C 30 -19.61 -30.23 5.51
CA PHE C 30 -18.25 -30.53 5.96
C PHE C 30 -17.48 -31.32 4.91
N LEU C 31 -16.20 -30.96 4.76
CA LEU C 31 -15.29 -31.71 3.92
C LEU C 31 -14.30 -32.45 4.82
N LEU C 32 -14.47 -33.78 4.90
CA LEU C 32 -13.71 -34.61 5.83
C LEU C 32 -12.66 -35.45 5.11
N ARG C 33 -11.52 -35.64 5.79
CA ARG C 33 -10.45 -36.47 5.26
C ARG C 33 -10.22 -37.68 6.15
N ARG C 34 -9.68 -37.42 7.34
CA ARG C 34 -9.25 -38.47 8.28
C ARG C 34 -10.41 -39.32 8.81
N ASP C 35 -11.50 -38.67 9.21
CA ASP C 35 -12.62 -39.38 9.83
C ASP C 35 -13.98 -39.01 9.23
N TYR C 36 -14.18 -39.37 7.96
CA TYR C 36 -15.47 -39.22 7.30
C TYR C 36 -16.43 -40.30 7.78
N GLU C 37 -15.90 -41.53 7.85
CA GLU C 37 -16.67 -42.73 8.16
C GLU C 37 -17.27 -42.77 9.56
N ALA C 38 -16.67 -42.02 10.48
CA ALA C 38 -17.16 -41.94 11.85
C ALA C 38 -18.22 -40.86 12.05
N ILE C 39 -18.03 -39.70 11.40
CA ILE C 39 -18.93 -38.56 11.56
C ILE C 39 -20.21 -38.73 10.73
N ALA C 40 -20.09 -39.32 9.55
CA ALA C 40 -21.27 -39.63 8.72
C ALA C 40 -22.13 -40.73 9.35
N GLY C 41 -21.53 -41.53 10.23
CA GLY C 41 -22.24 -42.53 11.00
C GLY C 41 -22.84 -41.97 12.27
N ASN C 42 -21.98 -41.58 13.21
CA ASN C 42 -22.40 -41.11 14.53
C ASN C 42 -22.83 -39.64 14.62
N GLY C 43 -22.09 -38.77 13.93
CA GLY C 43 -22.25 -37.32 14.10
C GLY C 43 -21.00 -36.76 14.72
N LEU C 44 -21.11 -35.58 15.33
CA LEU C 44 -19.99 -35.02 16.07
C LEU C 44 -20.37 -34.43 17.43
N LYS C 45 -19.60 -34.79 18.44
CA LYS C 45 -19.83 -34.33 19.81
C LYS C 45 -18.92 -33.14 20.09
N VAL C 46 -19.50 -32.04 20.54
CA VAL C 46 -18.74 -30.85 20.92
C VAL C 46 -18.72 -30.72 22.44
N PHE C 47 -17.54 -30.82 23.02
CA PHE C 47 -17.35 -30.68 24.46
C PHE C 47 -16.80 -29.29 24.80
N SER C 48 -17.72 -28.36 25.00
CA SER C 48 -17.36 -26.95 25.22
C SER C 48 -17.22 -26.61 26.69
N ILE C 49 -16.57 -25.47 26.94
CA ILE C 49 -16.59 -24.83 28.25
C ILE C 49 -17.98 -24.24 28.49
N ASN C 50 -18.62 -23.79 27.41
CA ASN C 50 -19.95 -23.20 27.45
C ASN C 50 -21.06 -24.24 27.26
N GLY C 51 -20.88 -25.41 27.85
CA GLY C 51 -21.87 -26.49 27.80
C GLY C 51 -21.69 -27.42 26.63
N ASP C 52 -21.64 -28.72 26.91
CA ASP C 52 -21.45 -29.75 25.89
C ASP C 52 -22.74 -30.00 25.12
N PHE C 53 -22.61 -30.21 23.81
CA PHE C 53 -23.75 -30.55 22.95
C PHE C 53 -23.36 -31.50 21.81
N THR C 54 -24.36 -32.18 21.25
CA THR C 54 -24.14 -33.15 20.17
C THR C 54 -25.03 -32.88 18.96
N LEU C 55 -24.46 -33.04 17.76
CA LEU C 55 -25.21 -32.99 16.52
C LEU C 55 -25.32 -34.39 15.93
N PRO C 56 -26.49 -35.04 16.09
CA PRO C 56 -26.73 -36.43 15.67
C PRO C 56 -26.55 -36.65 14.17
N HIS C 57 -26.98 -35.69 13.35
CA HIS C 57 -26.83 -35.79 11.91
C HIS C 57 -25.99 -34.65 11.35
N VAL C 58 -24.95 -35.01 10.60
CA VAL C 58 -23.98 -34.07 10.05
C VAL C 58 -23.82 -34.29 8.54
N LYS C 59 -24.01 -33.22 7.77
CA LYS C 59 -23.83 -33.28 6.31
C LYS C 59 -22.35 -33.39 5.95
N GLY C 60 -21.90 -34.61 5.69
CA GLY C 60 -20.49 -34.89 5.44
C GLY C 60 -20.15 -35.25 4.01
N TYR C 61 -18.97 -34.82 3.56
CA TYR C 61 -18.49 -35.10 2.21
C TYR C 61 -16.99 -35.39 2.23
N ARG C 62 -16.51 -36.15 1.26
CA ARG C 62 -15.08 -36.50 1.17
C ARG C 62 -14.39 -35.85 -0.05
N ALA C 63 -15.18 -35.54 -1.07
CA ALA C 63 -14.69 -34.84 -2.25
C ALA C 63 -15.50 -33.56 -2.41
N PRO C 64 -14.82 -32.42 -2.71
CA PRO C 64 -15.47 -31.11 -2.85
C PRO C 64 -16.48 -31.02 -4.00
N GLU C 65 -16.31 -31.86 -5.02
CA GLU C 65 -17.19 -31.90 -6.20
C GLU C 65 -18.56 -32.51 -5.91
N GLU C 66 -18.71 -33.14 -4.75
CA GLU C 66 -20.01 -33.65 -4.28
C GLU C 66 -20.82 -32.53 -3.61
N ILE C 67 -20.12 -31.49 -3.17
CA ILE C 67 -20.73 -30.36 -2.47
C ILE C 67 -21.27 -29.34 -3.47
N GLY C 68 -20.42 -28.94 -4.42
CA GLY C 68 -20.79 -27.93 -5.42
C GLY C 68 -20.65 -26.52 -4.89
N PRO C 69 -21.02 -25.52 -5.73
CA PRO C 69 -20.94 -24.09 -5.40
C PRO C 69 -21.67 -23.69 -4.11
N MET C 70 -20.98 -22.90 -3.29
CA MET C 70 -21.53 -22.43 -2.02
C MET C 70 -21.67 -20.92 -2.04
N ASP C 71 -22.14 -20.35 -0.93
CA ASP C 71 -22.20 -18.90 -0.79
C ASP C 71 -21.02 -18.42 0.06
N LEU C 72 -20.65 -19.24 1.05
CA LEU C 72 -19.49 -18.96 1.90
C LEU C 72 -18.67 -20.21 2.14
N VAL C 73 -17.36 -20.09 2.00
CA VAL C 73 -16.46 -21.20 2.33
C VAL C 73 -15.48 -20.79 3.44
N LEU C 74 -15.56 -21.50 4.56
CA LEU C 74 -14.64 -21.32 5.68
C LEU C 74 -13.42 -22.19 5.47
N VAL C 75 -12.26 -21.55 5.46
CA VAL C 75 -10.99 -22.25 5.34
C VAL C 75 -10.34 -22.37 6.71
N GLY C 76 -10.29 -23.60 7.21
CA GLY C 76 -9.66 -23.86 8.51
C GLY C 76 -8.48 -24.80 8.36
N LEU C 77 -7.87 -24.77 7.19
CA LEU C 77 -6.72 -25.62 6.87
C LEU C 77 -5.48 -25.21 7.64
N LYS C 78 -4.64 -26.19 7.94
CA LYS C 78 -3.28 -25.91 8.39
C LYS C 78 -2.51 -25.40 7.17
N THR C 79 -1.68 -24.40 7.39
CA THR C 79 -1.10 -23.61 6.29
C THR C 79 0.00 -24.28 5.47
N PHE C 80 0.47 -25.46 5.88
CA PHE C 80 1.39 -26.22 5.05
C PHE C 80 0.66 -26.90 3.89
N ALA C 81 -0.65 -27.05 4.05
CA ALA C 81 -1.53 -27.62 3.04
C ALA C 81 -2.07 -26.57 2.06
N ASN C 82 -1.48 -25.38 2.05
CA ASN C 82 -1.94 -24.27 1.22
C ASN C 82 -1.78 -24.46 -0.29
N SER C 83 -1.00 -25.47 -0.66
CA SER C 83 -0.85 -25.89 -2.06
C SER C 83 -2.12 -26.55 -2.59
N ARG C 84 -3.00 -26.96 -1.67
CA ARG C 84 -4.23 -27.65 -2.01
C ARG C 84 -5.42 -26.71 -2.18
N TYR C 85 -5.15 -25.40 -2.11
CA TYR C 85 -6.19 -24.37 -2.26
C TYR C 85 -7.06 -24.58 -3.49
N GLU C 86 -6.42 -24.77 -4.64
CA GLU C 86 -7.11 -24.93 -5.93
C GLU C 86 -7.98 -26.19 -5.97
N GLU C 87 -7.41 -27.34 -5.61
CA GLU C 87 -8.13 -28.62 -5.71
C GLU C 87 -9.29 -28.77 -4.72
N LEU C 88 -9.27 -27.99 -3.65
CA LEU C 88 -10.28 -28.08 -2.59
C LEU C 88 -11.38 -27.03 -2.69
N ILE C 89 -11.04 -25.83 -3.14
CA ILE C 89 -11.97 -24.70 -3.10
C ILE C 89 -12.68 -24.41 -4.44
N ARG C 90 -12.01 -24.68 -5.57
CA ARG C 90 -12.57 -24.42 -6.92
C ARG C 90 -14.01 -24.91 -7.22
N PRO C 91 -14.35 -26.19 -6.88
CA PRO C 91 -15.75 -26.61 -7.17
C PRO C 91 -16.80 -25.89 -6.33
N LEU C 92 -16.37 -25.23 -5.25
CA LEU C 92 -17.27 -24.55 -4.32
C LEU C 92 -17.49 -23.07 -4.66
N VAL C 93 -16.86 -22.61 -5.73
CA VAL C 93 -16.92 -21.18 -6.09
C VAL C 93 -17.86 -20.93 -7.27
N GLU C 94 -18.77 -19.98 -7.08
CA GLU C 94 -19.67 -19.49 -8.11
C GLU C 94 -19.65 -17.97 -8.00
N GLU C 95 -20.06 -17.28 -9.06
CA GLU C 95 -20.14 -15.82 -9.09
C GLU C 95 -20.96 -15.28 -7.92
N GLY C 96 -20.27 -14.90 -6.85
CA GLY C 96 -20.92 -14.42 -5.64
C GLY C 96 -20.44 -15.09 -4.36
N THR C 97 -19.74 -16.22 -4.50
CA THR C 97 -19.18 -16.96 -3.37
C THR C 97 -18.05 -16.15 -2.74
N GLN C 98 -18.19 -15.89 -1.45
CA GLN C 98 -17.14 -15.26 -0.68
C GLN C 98 -16.37 -16.30 0.14
N ILE C 99 -15.07 -16.09 0.28
CA ILE C 99 -14.18 -17.03 0.95
C ILE C 99 -13.68 -16.41 2.25
N LEU C 100 -13.83 -17.14 3.35
CA LEU C 100 -13.37 -16.68 4.66
C LEU C 100 -12.29 -17.59 5.22
N THR C 101 -11.11 -17.01 5.42
CA THR C 101 -9.98 -17.75 5.97
C THR C 101 -9.72 -17.40 7.44
N LEU C 102 -9.63 -18.43 8.28
CA LEU C 102 -9.42 -18.27 9.71
C LEU C 102 -8.08 -18.87 10.16
N GLN C 103 -7.22 -19.17 9.20
CA GLN C 103 -5.93 -19.81 9.46
C GLN C 103 -4.94 -18.82 10.04
N ASN C 104 -4.01 -19.33 10.84
CA ASN C 104 -2.94 -18.54 11.46
C ASN C 104 -1.92 -18.02 10.44
N GLY C 105 -1.21 -16.96 10.81
CA GLY C 105 -0.13 -16.42 9.99
C GLY C 105 -0.58 -15.41 8.95
N LEU C 106 0.32 -15.07 8.04
CA LEU C 106 0.04 -14.07 6.99
C LEU C 106 -0.15 -14.66 5.59
N GLY C 107 -0.46 -13.79 4.64
CA GLY C 107 -0.45 -14.11 3.20
C GLY C 107 -1.50 -15.06 2.65
N ASN C 108 -2.35 -15.60 3.52
CA ASN C 108 -3.37 -16.56 3.14
C ASN C 108 -4.44 -15.89 2.29
N GLU C 109 -4.85 -14.69 2.71
CA GLU C 109 -5.77 -13.84 1.97
C GLU C 109 -5.21 -13.48 0.60
N GLU C 110 -3.93 -13.15 0.57
CA GLU C 110 -3.21 -12.77 -0.65
C GLU C 110 -3.12 -13.94 -1.64
N ALA C 111 -2.87 -15.14 -1.12
CA ALA C 111 -2.78 -16.35 -1.94
C ALA C 111 -4.12 -16.70 -2.58
N LEU C 112 -5.18 -16.62 -1.79
CA LEU C 112 -6.54 -16.93 -2.25
C LEU C 112 -7.10 -15.89 -3.21
N ALA C 113 -6.66 -14.64 -3.06
CA ALA C 113 -7.07 -13.55 -3.95
C ALA C 113 -6.48 -13.68 -5.35
N THR C 114 -5.24 -14.18 -5.43
CA THR C 114 -4.57 -14.40 -6.71
C THR C 114 -5.13 -15.66 -7.40
N LEU C 115 -5.81 -16.48 -6.62
CA LEU C 115 -6.30 -17.77 -7.08
C LEU C 115 -7.80 -17.74 -7.42
N PHE C 116 -8.53 -16.80 -6.82
CA PHE C 116 -9.99 -16.75 -6.98
C PHE C 116 -10.56 -15.36 -7.24
N GLY C 117 -9.88 -14.32 -6.76
CA GLY C 117 -10.36 -12.95 -6.91
C GLY C 117 -10.37 -12.20 -5.59
N ALA C 118 -9.88 -10.96 -5.62
CA ALA C 118 -9.65 -10.16 -4.41
C ALA C 118 -10.92 -9.71 -3.68
N GLU C 119 -12.02 -9.55 -4.42
CA GLU C 119 -13.29 -9.11 -3.84
C GLU C 119 -13.96 -10.16 -2.94
N ARG C 120 -13.64 -11.43 -3.17
CA ARG C 120 -14.30 -12.55 -2.49
C ARG C 120 -13.66 -12.85 -1.14
N ILE C 121 -12.47 -12.30 -0.90
CA ILE C 121 -11.67 -12.71 0.25
C ILE C 121 -11.92 -11.86 1.48
N ILE C 122 -12.32 -12.55 2.55
CA ILE C 122 -12.61 -11.96 3.85
C ILE C 122 -11.69 -12.63 4.89
N GLY C 123 -10.93 -11.82 5.61
CA GLY C 123 -10.03 -12.32 6.65
C GLY C 123 -10.70 -12.39 8.00
N GLY C 124 -10.40 -13.44 8.74
CA GLY C 124 -10.93 -13.60 10.09
C GLY C 124 -9.87 -14.04 11.06
N VAL C 125 -9.31 -13.10 11.79
CA VAL C 125 -8.32 -13.43 12.80
C VAL C 125 -9.03 -13.90 14.07
N ALA C 126 -8.72 -15.12 14.49
CA ALA C 126 -9.45 -15.79 15.55
C ALA C 126 -8.54 -16.24 16.67
N PHE C 127 -9.03 -16.08 17.90
CA PHE C 127 -8.31 -16.51 19.10
C PHE C 127 -9.08 -17.69 19.68
N LEU C 128 -8.50 -18.89 19.58
CA LEU C 128 -9.21 -20.10 20.03
C LEU C 128 -8.28 -21.09 20.73
N CYS C 129 -8.62 -21.39 22.00
CA CYS C 129 -7.99 -22.47 22.74
C CYS C 129 -8.83 -23.72 22.56
N SER C 130 -8.38 -24.63 21.70
CA SER C 130 -9.10 -25.87 21.40
C SER C 130 -8.17 -27.00 21.00
N ASN C 131 -8.27 -28.13 21.70
CA ASN C 131 -7.53 -29.34 21.30
C ASN C 131 -8.48 -30.48 20.87
N ARG C 132 -8.15 -31.08 19.73
CA ARG C 132 -8.92 -32.18 19.17
C ARG C 132 -8.14 -33.48 19.36
N GLY C 133 -8.77 -34.63 19.15
CA GLY C 133 -8.01 -35.89 19.16
C GLY C 133 -8.65 -37.26 19.24
N GLU C 134 -9.95 -37.37 18.93
CA GLU C 134 -10.59 -38.68 18.72
C GLU C 134 -11.76 -38.62 17.72
N PRO C 135 -11.59 -39.25 16.54
CA PRO C 135 -12.39 -39.19 15.32
C PRO C 135 -13.84 -38.74 15.45
N GLY C 136 -14.05 -37.42 15.46
CA GLY C 136 -15.39 -36.85 15.53
C GLY C 136 -15.71 -36.13 16.82
N GLU C 137 -14.68 -35.78 17.57
CA GLU C 137 -14.86 -35.07 18.84
C GLU C 137 -13.97 -33.83 18.93
N VAL C 138 -14.59 -32.69 19.21
CA VAL C 138 -13.88 -31.42 19.35
C VAL C 138 -14.02 -30.94 20.78
N HIS C 139 -12.92 -30.45 21.36
CA HIS C 139 -12.96 -29.87 22.70
C HIS C 139 -12.67 -28.37 22.65
N HIS C 140 -13.68 -27.59 23.01
CA HIS C 140 -13.55 -26.14 23.14
C HIS C 140 -13.10 -25.82 24.57
N LEU C 141 -11.87 -25.37 24.72
CA LEU C 141 -11.26 -25.15 26.05
C LEU C 141 -11.20 -23.68 26.46
N GLY C 142 -11.35 -22.76 25.50
CA GLY C 142 -11.28 -21.34 25.81
C GLY C 142 -11.44 -20.41 24.62
N ALA C 143 -11.78 -19.16 24.95
CA ALA C 143 -11.99 -18.07 23.98
C ALA C 143 -12.94 -18.44 22.83
N GLY C 144 -12.61 -18.01 21.62
CA GLY C 144 -13.42 -18.31 20.44
C GLY C 144 -13.78 -17.09 19.63
N ARG C 145 -13.36 -15.91 20.10
CA ARG C 145 -13.69 -14.64 19.45
C ARG C 145 -13.02 -14.45 18.08
N ILE C 146 -13.75 -13.80 17.17
CA ILE C 146 -13.28 -13.57 15.80
C ILE C 146 -13.31 -12.07 15.52
N ILE C 147 -12.30 -11.59 14.79
CA ILE C 147 -12.33 -10.24 14.24
C ILE C 147 -12.35 -10.34 12.71
N LEU C 148 -13.44 -9.87 12.13
CA LEU C 148 -13.62 -9.95 10.68
C LEU C 148 -13.18 -8.67 9.99
N GLY C 149 -12.48 -8.83 8.87
CA GLY C 149 -12.06 -7.72 8.04
C GLY C 149 -11.98 -8.19 6.61
N GLU C 150 -12.15 -7.29 5.66
CA GLU C 150 -12.01 -7.67 4.25
C GLU C 150 -10.64 -7.33 3.71
N PHE C 151 -10.25 -8.07 2.67
CA PHE C 151 -8.97 -7.88 2.01
C PHE C 151 -9.03 -6.67 1.07
N LEU C 152 -10.06 -6.63 0.22
CA LEU C 152 -10.33 -5.47 -0.60
C LEU C 152 -11.49 -4.71 0.04
N PRO C 153 -11.21 -3.47 0.46
CA PRO C 153 -11.84 -2.92 1.67
C PRO C 153 -13.14 -2.18 1.36
N ARG C 154 -13.89 -2.70 0.40
CA ARG C 154 -15.26 -2.23 0.17
C ARG C 154 -16.27 -3.36 0.39
N ASP C 155 -17.49 -2.99 0.74
CA ASP C 155 -17.72 -2.03 1.82
C ASP C 155 -18.00 -2.74 3.14
N THR C 156 -19.27 -3.01 3.41
CA THR C 156 -19.80 -2.93 4.76
C THR C 156 -20.52 -4.21 5.16
N GLY C 157 -21.77 -4.33 4.74
CA GLY C 157 -22.62 -5.43 5.19
C GLY C 157 -22.15 -6.79 4.71
N ARG C 158 -21.42 -6.79 3.60
CA ARG C 158 -20.64 -7.95 3.18
C ARG C 158 -19.85 -8.51 4.36
N ILE C 159 -19.19 -7.62 5.11
CA ILE C 159 -18.51 -7.98 6.35
C ILE C 159 -19.52 -8.17 7.49
N GLU C 160 -20.51 -7.29 7.55
CA GLU C 160 -21.36 -7.16 8.74
C GLU C 160 -22.37 -8.27 8.93
N GLU C 161 -22.87 -8.82 7.82
CA GLU C 161 -23.87 -9.88 7.86
C GLU C 161 -23.30 -11.17 8.43
N LEU C 162 -22.04 -11.47 8.09
CA LEU C 162 -21.34 -12.64 8.62
C LEU C 162 -21.03 -12.46 10.09
N ALA C 163 -20.71 -11.23 10.48
CA ALA C 163 -20.42 -10.89 11.87
C ALA C 163 -21.64 -11.14 12.76
N ALA C 164 -22.81 -10.72 12.29
CA ALA C 164 -24.06 -10.95 13.01
C ALA C 164 -24.47 -12.42 12.96
N MET C 165 -24.19 -13.08 11.83
CA MET C 165 -24.43 -14.52 11.66
C MET C 165 -23.64 -15.32 12.68
N PHE C 166 -22.37 -14.93 12.88
CA PHE C 166 -21.51 -15.54 13.90
C PHE C 166 -21.99 -15.25 15.31
N ARG C 167 -22.46 -14.03 15.56
CA ARG C 167 -23.01 -13.63 16.86
C ARG C 167 -24.30 -14.36 17.19
N GLN C 168 -25.11 -14.63 16.16
CA GLN C 168 -26.36 -15.39 16.30
C GLN C 168 -26.09 -16.87 16.55
N ALA C 169 -24.85 -17.29 16.29
CA ALA C 169 -24.39 -18.63 16.63
C ALA C 169 -23.73 -18.64 18.02
N GLY C 170 -23.50 -17.46 18.59
CA GLY C 170 -22.90 -17.32 19.91
C GLY C 170 -21.39 -17.18 19.91
N VAL C 171 -20.86 -16.62 18.83
CA VAL C 171 -19.43 -16.35 18.69
C VAL C 171 -19.20 -14.84 18.78
N ASP C 172 -18.30 -14.42 19.66
CA ASP C 172 -17.99 -13.00 19.83
C ASP C 172 -17.27 -12.46 18.60
N CYS C 173 -18.04 -11.80 17.74
CA CYS C 173 -17.53 -11.36 16.44
C CYS C 173 -17.44 -9.84 16.35
N ARG C 174 -16.21 -9.33 16.24
CA ARG C 174 -15.96 -7.91 16.08
C ARG C 174 -15.54 -7.64 14.63
N THR C 175 -15.53 -6.38 14.22
CA THR C 175 -15.33 -5.98 12.83
C THR C 175 -14.29 -4.86 12.73
N THR C 176 -13.42 -4.92 11.74
CA THR C 176 -12.41 -3.89 11.53
C THR C 176 -12.22 -3.49 10.06
N ASP C 177 -11.83 -2.23 9.85
CA ASP C 177 -11.49 -1.72 8.52
C ASP C 177 -10.04 -2.01 8.19
N ASP C 178 -9.25 -2.27 9.24
CA ASP C 178 -7.84 -2.55 9.13
C ASP C 178 -7.56 -4.02 9.45
N LEU C 179 -7.69 -4.88 8.43
CA LEU C 179 -7.42 -6.31 8.57
C LEU C 179 -5.94 -6.59 8.78
N LYS C 180 -5.11 -5.76 8.16
CA LYS C 180 -3.67 -5.86 8.24
C LYS C 180 -3.18 -5.72 9.70
N ARG C 181 -3.73 -4.72 10.40
CA ARG C 181 -3.40 -4.44 11.78
C ARG C 181 -3.83 -5.58 12.70
N ALA C 182 -4.99 -6.15 12.39
CA ALA C 182 -5.58 -7.23 13.19
C ALA C 182 -4.78 -8.53 13.08
N ARG C 183 -4.25 -8.79 11.90
CA ARG C 183 -3.38 -9.96 11.66
C ARG C 183 -2.04 -9.83 12.37
N TRP C 184 -1.44 -8.65 12.26
CA TRP C 184 -0.13 -8.36 12.88
C TRP C 184 -0.19 -8.28 14.40
N GLU C 185 -1.33 -7.88 14.94
CA GLU C 185 -1.54 -7.87 16.39
C GLU C 185 -1.58 -9.29 16.95
N LYS C 186 -2.08 -10.23 16.15
CA LYS C 186 -2.09 -11.62 16.56
C LYS C 186 -0.69 -12.21 16.45
N LEU C 187 0.07 -11.74 15.47
CA LEU C 187 1.47 -12.11 15.26
C LEU C 187 2.39 -11.71 16.42
N VAL C 188 2.05 -10.64 17.12
CA VAL C 188 2.79 -10.17 18.29
C VAL C 188 2.74 -11.19 19.44
N TRP C 189 1.66 -11.96 19.53
CA TRP C 189 1.55 -13.01 20.54
C TRP C 189 2.07 -14.34 19.99
N ASN C 190 1.72 -14.61 18.73
CA ASN C 190 1.99 -15.89 18.07
C ASN C 190 3.43 -16.14 17.70
N ILE C 191 4.20 -15.07 17.52
CA ILE C 191 5.61 -15.27 17.20
C ILE C 191 6.46 -15.66 18.43
N PRO C 192 6.48 -14.81 19.50
CA PRO C 192 7.26 -15.25 20.66
C PRO C 192 6.76 -16.51 21.36
N PHE C 193 5.44 -16.66 21.52
CA PHE C 193 4.93 -17.84 22.24
C PHE C 193 4.85 -19.12 21.40
N ASN C 194 4.19 -19.11 20.24
CA ASN C 194 4.26 -20.30 19.38
C ASN C 194 5.68 -20.67 18.93
N GLY C 195 6.60 -19.72 19.00
CA GLY C 195 8.01 -19.98 18.77
C GLY C 195 8.70 -20.62 19.95
N LEU C 196 8.75 -19.87 21.06
CA LEU C 196 9.52 -20.27 22.25
C LEU C 196 9.02 -21.54 22.90
N CYS C 197 7.70 -21.70 22.97
CA CYS C 197 7.10 -22.88 23.56
C CYS C 197 7.34 -24.12 22.72
N ALA C 198 7.29 -23.97 21.40
CA ALA C 198 7.51 -25.11 20.50
C ALA C 198 8.98 -25.50 20.43
N LEU C 199 9.86 -24.50 20.47
CA LEU C 199 11.29 -24.73 20.46
C LEU C 199 11.79 -25.38 21.74
N LEU C 200 11.46 -24.78 22.89
CA LEU C 200 11.94 -25.26 24.19
C LEU C 200 11.04 -26.33 24.80
N GLN C 201 9.97 -26.69 24.07
CA GLN C 201 8.89 -27.57 24.54
C GLN C 201 8.50 -27.39 26.02
N GLN C 202 8.03 -26.18 26.33
CA GLN C 202 7.61 -25.78 27.67
C GLN C 202 6.36 -24.91 27.57
N PRO C 203 5.42 -25.04 28.53
CA PRO C 203 4.26 -24.13 28.59
C PRO C 203 4.64 -22.68 28.91
N VAL C 204 3.72 -21.75 28.62
CA VAL C 204 3.97 -20.30 28.63
C VAL C 204 4.48 -19.70 29.96
N ASN C 205 4.05 -20.29 31.08
CA ASN C 205 4.39 -19.81 32.41
C ASN C 205 5.88 -19.94 32.73
N LEU C 206 6.51 -20.98 32.17
CA LEU C 206 7.94 -21.20 32.29
C LEU C 206 8.76 -20.18 31.51
N ILE C 207 8.37 -19.91 30.26
CA ILE C 207 8.98 -18.85 29.43
C ILE C 207 8.89 -17.52 30.20
N LEU C 208 7.72 -17.25 30.79
CA LEU C 208 7.49 -15.99 31.50
C LEU C 208 8.03 -15.94 32.94
N ALA C 209 8.56 -17.05 33.45
CA ALA C 209 9.08 -17.12 34.83
C ALA C 209 10.41 -16.41 35.01
N ARG C 210 11.23 -16.38 33.97
CA ARG C 210 12.58 -15.78 34.02
C ARG C 210 12.62 -14.36 33.49
N ASP C 211 13.30 -13.49 34.21
CA ASP C 211 13.42 -12.06 33.87
C ASP C 211 14.05 -11.76 32.52
N VAL C 212 15.16 -12.44 32.20
CA VAL C 212 15.84 -12.27 30.90
C VAL C 212 15.05 -12.91 29.75
N SER C 213 14.25 -13.91 30.09
CA SER C 213 13.34 -14.54 29.12
C SER C 213 12.16 -13.65 28.79
N ARG C 214 11.66 -12.91 29.79
CA ARG C 214 10.65 -11.87 29.59
C ARG C 214 11.22 -10.75 28.70
N LYS C 215 12.50 -10.42 28.92
CA LYS C 215 13.22 -9.44 28.11
C LYS C 215 13.36 -9.88 26.65
N LEU C 216 13.50 -11.19 26.43
CA LEU C 216 13.58 -11.76 25.09
C LEU C 216 12.23 -11.63 24.37
N VAL C 217 11.16 -12.09 25.01
CA VAL C 217 9.79 -11.99 24.50
C VAL C 217 9.46 -10.55 24.12
N ARG C 218 9.84 -9.62 25.00
CA ARG C 218 9.72 -8.19 24.74
C ARG C 218 10.42 -7.76 23.44
N GLY C 219 11.66 -8.22 23.25
CA GLY C 219 12.47 -7.85 22.10
C GLY C 219 12.04 -8.50 20.79
N ILE C 220 11.43 -9.67 20.91
CA ILE C 220 10.81 -10.34 19.78
C ILE C 220 9.56 -9.56 19.36
N MET C 221 8.71 -9.24 20.34
CA MET C 221 7.47 -8.47 20.15
C MET C 221 7.71 -7.09 19.54
N LEU C 222 8.80 -6.44 19.93
CA LEU C 222 9.14 -5.10 19.44
C LEU C 222 9.59 -5.10 17.98
N GLU C 223 10.16 -6.22 17.54
CA GLU C 223 10.54 -6.43 16.16
C GLU C 223 9.30 -6.62 15.28
N VAL C 224 8.32 -7.35 15.82
CA VAL C 224 7.07 -7.63 15.10
C VAL C 224 6.29 -6.35 14.94
N ILE C 225 6.22 -5.56 16.01
CA ILE C 225 5.55 -4.26 16.02
C ILE C 225 6.19 -3.30 15.02
N ALA C 226 7.53 -3.25 15.01
CA ALA C 226 8.26 -2.41 14.06
C ALA C 226 8.09 -2.89 12.61
N GLY C 227 7.88 -4.18 12.42
CA GLY C 227 7.61 -4.76 11.11
C GLY C 227 6.17 -4.56 10.68
N ALA C 228 5.29 -4.44 11.66
CA ALA C 228 3.87 -4.16 11.44
C ALA C 228 3.67 -2.71 11.03
N ASN C 229 4.33 -1.80 11.77
CA ASN C 229 4.12 -0.36 11.66
C ASN C 229 4.56 0.29 10.36
N ALA C 230 5.25 -0.46 9.51
CA ALA C 230 5.66 0.05 8.21
C ALA C 230 5.06 -0.76 7.06
N GLN C 231 3.96 -1.44 7.34
CA GLN C 231 3.27 -2.24 6.34
C GLN C 231 2.11 -1.47 5.68
N GLY C 232 2.09 -0.16 5.87
CA GLY C 232 1.03 0.69 5.35
C GLY C 232 -0.25 0.52 6.14
N LEU C 233 -0.13 0.51 7.46
CA LEU C 233 -1.27 0.39 8.36
C LEU C 233 -2.10 1.67 8.38
N ALA C 234 -3.39 1.53 8.66
CA ALA C 234 -4.27 2.69 8.80
C ALA C 234 -4.02 3.42 10.11
N THR C 235 -3.66 2.65 11.14
CA THR C 235 -3.34 3.18 12.47
C THR C 235 -2.17 2.39 13.07
N PHE C 236 -1.22 3.12 13.66
CA PHE C 236 0.03 2.55 14.17
C PHE C 236 -0.15 1.74 15.46
N ILE C 237 0.53 0.61 15.55
CA ILE C 237 0.60 -0.16 16.79
C ILE C 237 1.70 0.42 17.66
N ALA C 238 1.28 1.03 18.78
CA ALA C 238 2.23 1.58 19.75
C ALA C 238 2.86 0.45 20.55
N ASP C 239 4.09 0.64 21.00
CA ASP C 239 4.64 -0.22 22.04
C ASP C 239 4.04 0.20 23.38
N GLY C 240 3.81 -0.79 24.23
CA GLY C 240 2.93 -0.63 25.38
C GLY C 240 1.91 -1.72 25.21
N TYR C 241 1.67 -2.07 23.94
CA TYR C 241 0.93 -3.26 23.56
C TYR C 241 1.69 -4.53 23.95
N VAL C 242 3.03 -4.39 24.02
CA VAL C 242 3.92 -5.44 24.52
C VAL C 242 3.48 -5.82 25.94
N ASP C 243 3.41 -4.80 26.80
CA ASP C 243 3.04 -4.96 28.22
C ASP C 243 1.66 -5.58 28.39
N ASP C 244 0.73 -5.21 27.52
CA ASP C 244 -0.60 -5.79 27.50
C ASP C 244 -0.56 -7.30 27.21
N MET C 245 0.17 -7.69 26.16
CA MET C 245 0.22 -9.09 25.71
C MET C 245 1.01 -9.98 26.66
N LEU C 246 1.94 -9.39 27.40
CA LEU C 246 2.71 -10.10 28.42
C LEU C 246 1.82 -10.46 29.61
N GLU C 247 1.08 -9.47 30.10
CA GLU C 247 0.17 -9.63 31.24
C GLU C 247 -1.06 -10.49 30.93
N PHE C 248 -1.50 -10.46 29.68
CA PHE C 248 -2.61 -11.30 29.23
C PHE C 248 -2.23 -12.79 29.27
N THR C 249 -0.99 -13.07 28.88
CA THR C 249 -0.44 -14.44 28.85
C THR C 249 -0.04 -14.89 30.25
N ASP C 250 0.20 -13.91 31.13
CA ASP C 250 0.58 -14.16 32.51
C ASP C 250 -0.57 -14.77 33.33
N ALA C 251 -1.79 -14.50 32.90
CA ALA C 251 -3.00 -15.06 33.52
C ALA C 251 -3.49 -16.33 32.83
N MET C 252 -2.81 -16.75 31.77
CA MET C 252 -3.16 -17.96 31.03
C MET C 252 -2.76 -19.25 31.75
N GLY C 253 -1.84 -19.12 32.70
CA GLY C 253 -1.37 -20.26 33.49
C GLY C 253 -0.46 -21.17 32.71
N GLU C 254 -0.78 -22.46 32.71
CA GLU C 254 0.03 -23.48 32.08
C GLU C 254 -0.51 -23.80 30.68
N TYR C 255 -0.52 -22.80 29.82
CA TYR C 255 -1.02 -22.97 28.46
C TYR C 255 0.08 -23.51 27.55
N LYS C 256 -0.26 -24.53 26.77
CA LYS C 256 0.64 -25.05 25.76
C LYS C 256 0.02 -24.77 24.40
N PRO C 257 0.58 -23.77 23.67
CA PRO C 257 0.14 -23.28 22.37
C PRO C 257 0.09 -24.34 21.27
N SER C 258 -0.58 -24.00 20.16
CA SER C 258 -0.88 -24.93 19.08
C SER C 258 0.35 -25.55 18.42
N MET C 259 1.42 -24.76 18.28
CA MET C 259 2.69 -25.26 17.74
C MET C 259 3.37 -26.26 18.67
N GLU C 260 3.24 -26.05 19.98
CA GLU C 260 3.81 -26.97 20.97
C GLU C 260 3.08 -28.31 21.00
N ILE C 261 1.75 -28.24 20.82
CA ILE C 261 0.90 -29.43 20.71
C ILE C 261 1.22 -30.19 19.43
N ASP C 262 1.37 -29.47 18.32
CA ASP C 262 1.71 -30.07 17.02
C ASP C 262 3.12 -30.67 16.98
N ARG C 263 4.01 -30.13 17.81
CA ARG C 263 5.36 -30.66 18.00
C ARG C 263 5.30 -32.02 18.73
N GLU C 264 4.51 -32.06 19.80
CA GLU C 264 4.38 -33.26 20.63
C GLU C 264 3.68 -34.41 19.91
N GLU C 265 2.77 -34.07 19.00
CA GLU C 265 2.02 -35.06 18.23
C GLU C 265 2.78 -35.57 17.02
N GLY C 266 3.72 -34.77 16.53
CA GLY C 266 4.60 -35.17 15.43
C GLY C 266 4.13 -34.77 14.05
N ARG C 267 3.16 -33.86 13.99
CA ARG C 267 2.70 -33.32 12.71
C ARG C 267 3.47 -32.03 12.38
N PRO C 268 3.64 -31.69 11.08
CA PRO C 268 4.44 -30.51 10.70
C PRO C 268 3.93 -29.16 11.25
N LEU C 269 4.80 -28.16 11.24
CA LEU C 269 4.50 -26.87 11.85
C LEU C 269 4.35 -25.75 10.84
N GLU C 270 3.54 -24.76 11.20
CA GLU C 270 3.21 -23.64 10.33
C GLU C 270 4.25 -22.51 10.37
N ILE C 271 5.53 -22.86 10.24
CA ILE C 271 6.63 -21.90 10.24
C ILE C 271 6.55 -20.88 9.09
N ALA C 272 6.21 -21.35 7.89
CA ALA C 272 6.13 -20.48 6.72
C ALA C 272 5.19 -19.30 6.96
N ALA C 273 3.96 -19.57 7.37
CA ALA C 273 2.95 -18.53 7.50
C ALA C 273 3.12 -17.64 8.74
N ILE C 274 3.38 -18.25 9.90
CA ILE C 274 3.58 -17.51 11.16
C ILE C 274 4.92 -16.75 11.19
N PHE C 275 6.00 -17.37 10.71
CA PHE C 275 7.34 -16.78 10.82
C PHE C 275 7.95 -16.27 9.51
N ARG C 276 7.99 -17.12 8.48
CA ARG C 276 8.71 -16.79 7.25
C ARG C 276 8.07 -15.67 6.41
N THR C 277 6.74 -15.65 6.38
CA THR C 277 5.99 -14.59 5.68
C THR C 277 6.10 -13.20 6.33
N PRO C 278 5.91 -13.08 7.67
CA PRO C 278 6.21 -11.80 8.35
C PRO C 278 7.67 -11.30 8.26
N LEU C 279 8.60 -12.23 8.06
CA LEU C 279 9.97 -11.85 7.72
C LEU C 279 10.02 -11.36 6.26
N ALA C 280 9.42 -12.12 5.34
CA ALA C 280 9.32 -11.72 3.92
C ALA C 280 8.65 -10.36 3.74
N TYR C 281 7.59 -10.10 4.51
CA TYR C 281 6.84 -8.84 4.44
C TYR C 281 7.59 -7.65 5.04
N GLY C 282 8.27 -7.88 6.16
CA GLY C 282 9.09 -6.84 6.79
C GLY C 282 10.34 -6.50 5.99
N ALA C 283 10.92 -7.51 5.33
CA ALA C 283 12.08 -7.33 4.47
C ALA C 283 11.70 -6.60 3.18
N ARG C 284 10.45 -6.73 2.78
CA ARG C 284 9.93 -6.04 1.61
C ARG C 284 9.60 -4.58 1.93
N GLU C 285 9.75 -4.21 3.20
CA GLU C 285 9.57 -2.82 3.63
C GLU C 285 10.84 -2.26 4.29
N GLY C 286 11.88 -3.09 4.33
CA GLY C 286 13.20 -2.68 4.83
C GLY C 286 13.36 -2.74 6.35
N ILE C 287 12.82 -3.78 6.98
CA ILE C 287 12.94 -3.91 8.43
C ILE C 287 13.69 -5.20 8.79
N ALA C 288 14.81 -5.03 9.49
CA ALA C 288 15.53 -6.16 10.05
C ALA C 288 14.79 -6.71 11.27
N MET C 289 14.45 -7.99 11.21
CA MET C 289 13.87 -8.72 12.35
C MET C 289 14.76 -9.91 12.78
N PRO C 290 15.97 -9.61 13.34
CA PRO C 290 16.97 -10.67 13.57
C PRO C 290 16.55 -11.77 14.52
N ARG C 291 15.78 -11.42 15.55
CA ARG C 291 15.32 -12.40 16.51
C ARG C 291 14.25 -13.31 15.95
N VAL C 292 13.34 -12.75 15.14
CA VAL C 292 12.31 -13.54 14.46
C VAL C 292 12.99 -14.56 13.55
N GLU C 293 14.03 -14.12 12.83
CA GLU C 293 14.80 -15.02 11.96
C GLU C 293 15.47 -16.14 12.76
N MET C 294 16.34 -15.76 13.68
CA MET C 294 16.98 -16.71 14.58
C MET C 294 15.99 -17.75 15.12
N LEU C 295 14.89 -17.28 15.71
CA LEU C 295 13.78 -18.17 16.09
C LEU C 295 13.22 -19.09 14.99
N ALA C 296 12.94 -18.51 13.80
CA ALA C 296 12.34 -19.25 12.69
C ALA C 296 13.25 -20.35 12.19
N THR C 297 14.54 -20.04 12.09
CA THR C 297 15.58 -20.99 11.71
C THR C 297 15.80 -22.11 12.75
N LEU C 298 15.90 -21.75 14.04
CA LEU C 298 16.09 -22.75 15.11
C LEU C 298 14.91 -23.70 15.20
N LEU C 299 13.74 -23.20 14.82
CA LEU C 299 12.51 -23.98 14.80
C LEU C 299 12.57 -25.04 13.70
N GLU C 300 12.93 -24.62 12.49
CA GLU C 300 13.02 -25.56 11.37
C GLU C 300 14.27 -26.43 11.40
N GLN C 301 15.26 -26.03 12.21
CA GLN C 301 16.38 -26.89 12.58
C GLN C 301 15.91 -28.08 13.41
N ALA C 302 15.03 -27.82 14.37
CA ALA C 302 14.64 -28.82 15.36
C ALA C 302 13.71 -29.89 14.78
N THR C 303 12.86 -29.50 13.83
CA THR C 303 11.89 -30.43 13.23
C THR C 303 12.32 -30.90 11.83
N GLY C 304 13.62 -31.04 11.61
CA GLY C 304 14.16 -31.54 10.35
C GLY C 304 15.25 -32.58 10.55
N LEU D 3 0.33 -14.55 52.28
CA LEU D 3 -0.50 -13.31 52.35
C LEU D 3 -1.94 -13.66 52.73
N ARG D 4 -2.43 -13.07 53.82
CA ARG D 4 -3.76 -13.42 54.34
C ARG D 4 -4.92 -12.55 53.84
N ILE D 5 -5.94 -13.23 53.33
CA ILE D 5 -7.05 -12.62 52.62
C ILE D 5 -8.38 -12.86 53.37
N ALA D 6 -9.17 -11.81 53.49
CA ALA D 6 -10.54 -11.92 54.00
C ALA D 6 -11.56 -11.67 52.90
N ILE D 7 -12.48 -12.62 52.72
CA ILE D 7 -13.59 -12.44 51.78
C ILE D 7 -14.83 -12.00 52.55
N VAL D 8 -15.12 -10.70 52.47
CA VAL D 8 -16.31 -10.16 53.09
C VAL D 8 -17.39 -10.00 52.03
N GLY D 9 -18.42 -10.84 52.15
CA GLY D 9 -19.56 -10.77 51.25
C GLY D 9 -20.11 -12.13 50.88
N ALA D 10 -19.19 -13.07 50.66
CA ALA D 10 -19.47 -14.34 49.97
C ALA D 10 -20.13 -14.05 48.62
N GLY D 11 -21.26 -14.69 48.34
CA GLY D 11 -21.97 -14.45 47.09
C GLY D 11 -21.28 -15.07 45.90
N ALA D 12 -21.65 -14.63 44.71
CA ALA D 12 -21.13 -15.19 43.47
C ALA D 12 -19.65 -14.87 43.27
N LEU D 13 -19.33 -13.58 43.28
CA LEU D 13 -18.01 -13.11 42.90
C LEU D 13 -17.00 -13.11 44.05
N GLY D 14 -17.50 -13.11 45.29
CA GLY D 14 -16.64 -13.14 46.47
C GLY D 14 -16.02 -14.52 46.64
N LEU D 15 -16.87 -15.55 46.61
CA LEU D 15 -16.45 -16.93 46.75
C LEU D 15 -15.56 -17.40 45.60
N TYR D 16 -15.88 -16.98 44.38
CA TYR D 16 -15.14 -17.38 43.18
C TYR D 16 -13.70 -16.86 43.15
N TYR D 17 -13.53 -15.54 43.29
CA TYR D 17 -12.20 -14.92 43.38
C TYR D 17 -11.46 -15.35 44.64
N GLY D 18 -12.21 -15.67 45.69
CA GLY D 18 -11.64 -16.23 46.92
C GLY D 18 -11.07 -17.61 46.71
N ALA D 19 -11.80 -18.43 45.95
CA ALA D 19 -11.41 -19.82 45.69
C ALA D 19 -10.17 -19.93 44.80
N LEU D 20 -10.13 -19.13 43.74
CA LEU D 20 -8.99 -19.10 42.81
C LEU D 20 -7.70 -18.66 43.50
N LEU D 21 -7.84 -17.81 44.52
CA LEU D 21 -6.70 -17.33 45.27
C LEU D 21 -6.10 -18.41 46.18
N GLN D 22 -6.93 -19.20 46.86
CA GLN D 22 -6.40 -20.27 47.70
C GLN D 22 -6.00 -21.51 46.89
N ARG D 23 -6.55 -21.63 45.67
CA ARG D 23 -6.14 -22.66 44.73
C ARG D 23 -4.75 -22.39 44.19
N SER D 24 -4.36 -21.12 44.11
CA SER D 24 -3.00 -20.75 43.72
C SER D 24 -2.09 -20.59 44.94
N GLY D 25 -2.66 -20.80 46.13
CA GLY D 25 -1.87 -20.91 47.35
C GLY D 25 -1.77 -19.62 48.13
N GLU D 26 -2.92 -19.04 48.44
CA GLU D 26 -2.96 -17.88 49.31
C GLU D 26 -3.81 -18.21 50.53
N ASP D 27 -3.46 -17.61 51.66
CA ASP D 27 -4.16 -17.84 52.92
C ASP D 27 -5.52 -17.14 52.91
N VAL D 28 -6.54 -17.82 52.39
CA VAL D 28 -7.85 -17.21 52.19
C VAL D 28 -8.86 -17.61 53.26
N HIS D 29 -9.29 -16.62 54.04
CA HIS D 29 -10.29 -16.78 55.09
C HIS D 29 -11.62 -16.22 54.64
N PHE D 30 -12.67 -17.05 54.68
CA PHE D 30 -14.00 -16.63 54.23
C PHE D 30 -14.90 -16.18 55.37
N LEU D 31 -15.84 -15.29 55.07
CA LEU D 31 -16.85 -14.86 56.03
C LEU D 31 -18.24 -15.17 55.49
N LEU D 32 -18.80 -16.28 55.97
CA LEU D 32 -20.11 -16.75 55.52
C LEU D 32 -21.18 -16.46 56.57
N ARG D 33 -22.44 -16.54 56.17
CA ARG D 33 -23.57 -16.42 57.10
C ARG D 33 -24.71 -17.39 56.77
N ARG D 34 -24.90 -17.68 55.48
CA ARG D 34 -25.94 -18.60 55.04
C ARG D 34 -25.49 -20.04 55.19
N ASP D 35 -24.27 -20.31 54.71
CA ASP D 35 -23.76 -21.67 54.64
C ASP D 35 -22.41 -21.84 55.34
N TYR D 36 -22.36 -21.45 56.61
CA TYR D 36 -21.24 -21.78 57.49
C TYR D 36 -21.25 -23.28 57.76
N GLU D 37 -22.45 -23.83 57.81
CA GLU D 37 -22.71 -25.25 58.08
C GLU D 37 -22.23 -26.20 56.99
N ALA D 38 -22.50 -25.86 55.73
CA ALA D 38 -22.31 -26.78 54.61
C ALA D 38 -20.95 -26.64 53.90
N ILE D 39 -20.12 -25.72 54.39
CA ILE D 39 -18.77 -25.52 53.84
C ILE D 39 -17.70 -25.94 54.84
N ALA D 40 -17.96 -25.73 56.14
CA ALA D 40 -17.02 -26.15 57.19
C ALA D 40 -17.02 -27.67 57.40
N GLY D 41 -18.05 -28.34 56.91
CA GLY D 41 -18.16 -29.80 57.00
C GLY D 41 -17.71 -30.52 55.74
N ASN D 42 -18.00 -29.93 54.59
CA ASN D 42 -17.64 -30.53 53.29
C ASN D 42 -16.63 -29.70 52.48
N GLY D 43 -16.96 -28.43 52.25
CA GLY D 43 -16.13 -27.56 51.41
C GLY D 43 -16.97 -26.81 50.39
N LEU D 44 -16.33 -25.96 49.59
CA LEU D 44 -17.03 -25.26 48.52
C LEU D 44 -16.67 -25.79 47.13
N LYS D 45 -17.69 -26.03 46.32
CA LYS D 45 -17.51 -26.61 44.99
C LYS D 45 -17.58 -25.51 43.92
N VAL D 46 -16.53 -25.41 43.12
CA VAL D 46 -16.50 -24.43 42.03
C VAL D 46 -16.69 -25.13 40.69
N PHE D 47 -17.83 -24.86 40.06
CA PHE D 47 -18.12 -25.38 38.73
C PHE D 47 -17.96 -24.26 37.70
N SER D 48 -16.70 -23.96 37.37
CA SER D 48 -16.35 -22.93 36.40
C SER D 48 -16.50 -23.44 34.97
N ILE D 49 -16.34 -22.53 34.00
CA ILE D 49 -16.21 -22.93 32.61
C ILE D 49 -14.82 -23.52 32.37
N ASN D 50 -13.79 -22.88 32.94
CA ASN D 50 -12.40 -23.31 32.76
C ASN D 50 -11.99 -24.37 33.78
N GLY D 51 -12.66 -25.51 33.75
CA GLY D 51 -12.37 -26.61 34.65
C GLY D 51 -13.07 -26.51 35.99
N ASP D 52 -13.66 -27.61 36.42
CA ASP D 52 -14.28 -27.70 37.73
C ASP D 52 -13.22 -28.06 38.76
N PHE D 53 -13.28 -27.43 39.93
CA PHE D 53 -12.41 -27.75 41.05
C PHE D 53 -13.12 -27.58 42.38
N THR D 54 -12.91 -28.54 43.30
CA THR D 54 -13.58 -28.54 44.59
C THR D 54 -12.56 -28.53 45.73
N LEU D 55 -12.73 -27.61 46.68
CA LEU D 55 -11.82 -27.49 47.82
C LEU D 55 -12.29 -28.35 49.00
N PRO D 56 -11.46 -29.32 49.41
CA PRO D 56 -11.77 -30.24 50.52
C PRO D 56 -11.80 -29.54 51.88
N HIS D 57 -10.89 -28.60 52.08
CA HIS D 57 -10.84 -27.81 53.31
C HIS D 57 -10.91 -26.32 52.98
N VAL D 58 -11.80 -25.63 53.68
CA VAL D 58 -12.00 -24.19 53.51
C VAL D 58 -12.01 -23.52 54.89
N LYS D 59 -11.12 -22.56 55.09
CA LYS D 59 -11.01 -21.83 56.36
C LYS D 59 -12.14 -20.80 56.52
N GLY D 60 -13.33 -21.31 56.82
CA GLY D 60 -14.52 -20.47 56.96
C GLY D 60 -14.75 -19.97 58.37
N TYR D 61 -15.46 -18.86 58.48
CA TYR D 61 -15.77 -18.26 59.78
C TYR D 61 -17.21 -17.76 59.80
N ARG D 62 -17.68 -17.31 60.96
CA ARG D 62 -19.02 -16.74 61.09
C ARG D 62 -18.99 -15.37 61.81
N ALA D 63 -17.83 -15.02 62.35
CA ALA D 63 -17.64 -13.76 63.04
C ALA D 63 -16.36 -13.06 62.57
N PRO D 64 -16.43 -11.75 62.28
CA PRO D 64 -15.28 -10.95 61.82
C PRO D 64 -14.16 -10.81 62.85
N GLU D 65 -14.52 -10.87 64.14
CA GLU D 65 -13.55 -10.76 65.23
C GLU D 65 -12.71 -12.04 65.41
N GLU D 66 -13.25 -13.16 64.96
CA GLU D 66 -12.57 -14.45 65.01
C GLU D 66 -11.37 -14.52 64.07
N ILE D 67 -11.48 -13.84 62.93
CA ILE D 67 -10.43 -13.85 61.91
C ILE D 67 -9.28 -12.93 62.32
N GLY D 68 -9.61 -11.77 62.87
CA GLY D 68 -8.61 -10.81 63.32
C GLY D 68 -7.97 -10.04 62.17
N PRO D 69 -6.82 -9.38 62.43
CA PRO D 69 -6.13 -8.54 61.44
C PRO D 69 -5.63 -9.31 60.23
N MET D 70 -6.09 -8.89 59.05
CA MET D 70 -5.64 -9.45 57.78
C MET D 70 -4.77 -8.41 57.07
N ASP D 71 -4.01 -8.87 56.07
CA ASP D 71 -3.21 -7.95 55.25
C ASP D 71 -4.02 -7.41 54.07
N LEU D 72 -5.00 -8.20 53.64
CA LEU D 72 -5.90 -7.81 52.55
C LEU D 72 -7.32 -8.27 52.85
N VAL D 73 -8.29 -7.40 52.53
CA VAL D 73 -9.70 -7.75 52.65
C VAL D 73 -10.43 -7.43 51.35
N LEU D 74 -11.04 -8.46 50.76
CA LEU D 74 -11.87 -8.31 49.56
C LEU D 74 -13.32 -8.14 49.93
N VAL D 75 -13.89 -7.00 49.55
CA VAL D 75 -15.29 -6.70 49.78
C VAL D 75 -16.09 -7.01 48.52
N GLY D 76 -16.92 -8.06 48.61
CA GLY D 76 -17.78 -8.49 47.52
C GLY D 76 -19.24 -8.59 47.94
N LEU D 77 -19.64 -7.74 48.89
CA LEU D 77 -21.02 -7.67 49.36
C LEU D 77 -21.94 -7.00 48.36
N LYS D 78 -23.23 -7.33 48.46
CA LYS D 78 -24.24 -6.57 47.75
C LYS D 78 -24.39 -5.20 48.42
N THR D 79 -24.53 -4.17 47.60
CA THR D 79 -24.39 -2.77 48.04
C THR D 79 -25.52 -2.24 48.93
N PHE D 80 -26.61 -3.00 49.06
CA PHE D 80 -27.66 -2.65 50.01
C PHE D 80 -27.28 -2.99 51.46
N ALA D 81 -26.16 -3.69 51.63
CA ALA D 81 -25.60 -4.01 52.94
C ALA D 81 -24.39 -3.15 53.27
N ASN D 82 -24.30 -1.97 52.63
CA ASN D 82 -23.18 -1.04 52.85
C ASN D 82 -23.15 -0.38 54.23
N SER D 83 -24.29 -0.41 54.93
CA SER D 83 -24.36 0.08 56.30
C SER D 83 -23.71 -0.88 57.29
N ARG D 84 -23.41 -2.10 56.83
CA ARG D 84 -22.75 -3.13 57.63
C ARG D 84 -21.21 -3.12 57.48
N TYR D 85 -20.68 -2.07 56.82
CA TYR D 85 -19.23 -1.90 56.63
C TYR D 85 -18.45 -1.95 57.94
N GLU D 86 -18.96 -1.21 58.93
CA GLU D 86 -18.28 -1.04 60.22
C GLU D 86 -18.27 -2.32 61.06
N GLU D 87 -19.33 -3.12 60.95
CA GLU D 87 -19.46 -4.30 61.81
C GLU D 87 -18.78 -5.56 61.27
N LEU D 88 -18.26 -5.50 60.05
CA LEU D 88 -17.67 -6.67 59.41
C LEU D 88 -16.20 -6.49 59.02
N ILE D 89 -15.80 -5.25 58.77
CA ILE D 89 -14.45 -4.96 58.24
C ILE D 89 -13.48 -4.41 59.31
N ARG D 90 -14.02 -3.70 60.30
CA ARG D 90 -13.23 -3.15 61.42
C ARG D 90 -12.29 -4.12 62.20
N PRO D 91 -12.78 -5.33 62.58
CA PRO D 91 -11.85 -6.24 63.28
C PRO D 91 -10.76 -6.86 62.40
N LEU D 92 -10.77 -6.55 61.11
CA LEU D 92 -9.79 -7.06 60.16
C LEU D 92 -8.72 -6.04 59.80
N VAL D 93 -8.96 -4.77 60.15
CA VAL D 93 -8.09 -3.66 59.75
C VAL D 93 -6.96 -3.39 60.74
N GLU D 94 -5.73 -3.54 60.24
CA GLU D 94 -4.50 -3.26 60.96
C GLU D 94 -3.75 -2.15 60.19
N GLU D 95 -2.85 -1.44 60.86
CA GLU D 95 -1.98 -0.44 60.21
C GLU D 95 -1.17 -1.11 59.09
N GLY D 96 -1.67 -0.98 57.86
CA GLY D 96 -1.07 -1.63 56.70
C GLY D 96 -2.00 -2.55 55.92
N THR D 97 -3.21 -2.74 56.45
CA THR D 97 -4.24 -3.51 55.77
C THR D 97 -4.80 -2.72 54.59
N GLN D 98 -4.86 -3.36 53.43
CA GLN D 98 -5.43 -2.74 52.24
C GLN D 98 -6.78 -3.35 51.90
N ILE D 99 -7.75 -2.49 51.59
CA ILE D 99 -9.14 -2.91 51.35
C ILE D 99 -9.48 -2.82 49.87
N LEU D 100 -10.02 -3.91 49.32
CA LEU D 100 -10.36 -3.99 47.91
C LEU D 100 -11.86 -4.19 47.66
N THR D 101 -12.51 -3.20 47.06
CA THR D 101 -13.92 -3.28 46.66
C THR D 101 -14.11 -3.86 45.27
N LEU D 102 -14.98 -4.85 45.18
CA LEU D 102 -15.31 -5.49 43.91
C LEU D 102 -16.81 -5.49 43.66
N GLN D 103 -17.53 -4.73 44.49
CA GLN D 103 -18.97 -4.56 44.37
C GLN D 103 -19.35 -3.55 43.28
N ASN D 104 -20.59 -3.61 42.83
CA ASN D 104 -21.07 -2.80 41.70
C ASN D 104 -21.32 -1.33 42.02
N GLY D 105 -21.41 -0.52 40.97
CA GLY D 105 -21.82 0.87 41.08
C GLY D 105 -20.74 1.85 41.51
N LEU D 106 -21.16 3.00 42.00
CA LEU D 106 -20.24 4.04 42.47
C LEU D 106 -20.43 4.31 43.95
N GLY D 107 -19.41 4.91 44.57
CA GLY D 107 -19.51 5.38 45.95
C GLY D 107 -18.94 4.46 47.02
N ASN D 108 -18.80 3.17 46.69
CA ASN D 108 -18.33 2.15 47.63
C ASN D 108 -16.92 2.40 48.14
N GLU D 109 -16.06 2.89 47.25
CA GLU D 109 -14.71 3.34 47.62
C GLU D 109 -14.80 4.54 48.56
N GLU D 110 -15.60 5.52 48.16
CA GLU D 110 -15.80 6.77 48.90
C GLU D 110 -16.37 6.55 50.30
N ALA D 111 -17.31 5.61 50.42
CA ALA D 111 -17.94 5.28 51.69
C ALA D 111 -17.01 4.50 52.62
N LEU D 112 -16.10 3.72 52.04
CA LEU D 112 -15.13 2.95 52.82
C LEU D 112 -13.93 3.78 53.25
N ALA D 113 -13.60 4.79 52.44
CA ALA D 113 -12.47 5.68 52.72
C ALA D 113 -12.74 6.56 53.94
N THR D 114 -13.98 6.99 54.09
CA THR D 114 -14.39 7.84 55.22
C THR D 114 -14.38 7.04 56.52
N LEU D 115 -14.77 5.76 56.43
CA LEU D 115 -14.81 4.89 57.61
C LEU D 115 -13.43 4.33 57.97
N PHE D 116 -12.51 4.31 57.00
CA PHE D 116 -11.17 3.77 57.23
C PHE D 116 -10.02 4.70 56.84
N GLY D 117 -9.86 4.98 55.55
CA GLY D 117 -8.74 5.78 55.05
C GLY D 117 -8.58 5.64 53.55
N ALA D 118 -8.26 6.75 52.88
CA ALA D 118 -8.24 6.83 51.41
C ALA D 118 -7.12 6.02 50.73
N GLU D 119 -5.97 5.92 51.38
CA GLU D 119 -4.82 5.21 50.82
C GLU D 119 -4.93 3.68 50.95
N ARG D 120 -5.79 3.23 51.87
CA ARG D 120 -6.03 1.82 52.09
C ARG D 120 -6.92 1.23 50.99
N ILE D 121 -7.75 2.08 50.41
CA ILE D 121 -8.79 1.66 49.47
C ILE D 121 -8.26 1.45 48.05
N ILE D 122 -8.50 0.25 47.54
CA ILE D 122 -8.21 -0.09 46.15
C ILE D 122 -9.53 -0.49 45.51
N GLY D 123 -9.83 0.09 44.35
CA GLY D 123 -11.03 -0.25 43.61
C GLY D 123 -10.76 -1.36 42.61
N GLY D 124 -11.77 -2.18 42.37
CA GLY D 124 -11.64 -3.27 41.42
C GLY D 124 -12.88 -3.38 40.56
N VAL D 125 -12.75 -2.98 39.29
CA VAL D 125 -13.85 -3.13 38.34
C VAL D 125 -13.80 -4.52 37.71
N ALA D 126 -14.60 -5.43 38.28
CA ALA D 126 -14.66 -6.81 37.82
C ALA D 126 -15.84 -7.02 36.88
N PHE D 127 -15.57 -7.62 35.72
CA PHE D 127 -16.63 -7.97 34.78
C PHE D 127 -16.83 -9.48 34.81
N LEU D 128 -17.91 -9.94 35.46
CA LEU D 128 -18.10 -11.37 35.71
C LEU D 128 -19.53 -11.84 35.41
N CYS D 129 -19.64 -13.02 34.82
CA CYS D 129 -20.91 -13.71 34.64
C CYS D 129 -20.96 -14.94 35.54
N SER D 130 -21.66 -14.81 36.67
CA SER D 130 -21.73 -15.89 37.66
C SER D 130 -23.01 -15.90 38.47
N ASN D 131 -23.71 -17.03 38.45
CA ASN D 131 -24.85 -17.27 39.32
C ASN D 131 -24.52 -18.33 40.38
N ARG D 132 -25.37 -18.43 41.40
CA ARG D 132 -25.10 -19.25 42.58
C ARG D 132 -26.41 -19.71 43.22
N GLY D 133 -26.32 -20.58 44.23
CA GLY D 133 -27.48 -20.84 45.06
C GLY D 133 -27.78 -22.25 45.56
N GLU D 134 -26.73 -22.98 45.95
CA GLU D 134 -26.90 -24.22 46.74
C GLU D 134 -25.73 -24.41 47.71
N PRO D 135 -26.00 -24.19 49.01
CA PRO D 135 -25.09 -23.96 50.15
C PRO D 135 -23.62 -24.35 49.96
N GLY D 136 -22.91 -23.56 49.17
CA GLY D 136 -21.48 -23.76 48.93
C GLY D 136 -21.12 -24.16 47.51
N GLU D 137 -21.90 -23.70 46.53
CA GLU D 137 -21.63 -24.00 45.12
C GLU D 137 -21.59 -22.76 44.23
N VAL D 138 -20.46 -22.56 43.55
CA VAL D 138 -20.25 -21.41 42.67
C VAL D 138 -20.28 -21.84 41.21
N HIS D 139 -20.97 -21.07 40.36
CA HIS D 139 -21.02 -21.35 38.93
C HIS D 139 -20.51 -20.18 38.09
N HIS D 140 -19.21 -20.22 37.80
CA HIS D 140 -18.59 -19.25 36.90
C HIS D 140 -18.93 -19.61 35.47
N LEU D 141 -19.58 -18.66 34.78
CA LEU D 141 -20.02 -18.91 33.41
C LEU D 141 -19.36 -17.99 32.38
N GLY D 142 -18.46 -17.11 32.81
CA GLY D 142 -17.61 -16.38 31.85
C GLY D 142 -17.00 -15.02 32.17
N ALA D 143 -15.91 -14.74 31.44
CA ALA D 143 -15.37 -13.38 31.16
C ALA D 143 -14.69 -12.56 32.27
N GLY D 144 -14.25 -13.21 33.36
CA GLY D 144 -13.83 -12.53 34.60
C GLY D 144 -12.62 -11.59 34.67
N ARG D 145 -12.57 -10.59 33.80
CA ARG D 145 -11.49 -9.58 33.83
C ARG D 145 -11.68 -8.56 34.95
N ILE D 146 -10.60 -8.26 35.66
CA ILE D 146 -10.58 -7.24 36.72
C ILE D 146 -9.71 -6.08 36.26
N ILE D 147 -10.16 -4.85 36.53
CA ILE D 147 -9.29 -3.69 36.40
C ILE D 147 -9.06 -3.09 37.78
N LEU D 148 -7.78 -2.99 38.18
CA LEU D 148 -7.43 -2.43 39.47
C LEU D 148 -6.95 -0.99 39.36
N GLY D 149 -7.46 -0.17 40.27
CA GLY D 149 -6.97 1.19 40.48
C GLY D 149 -7.10 1.50 41.96
N GLU D 150 -6.38 2.50 42.42
CA GLU D 150 -6.50 2.93 43.81
C GLU D 150 -7.36 4.18 43.94
N PHE D 151 -7.97 4.35 45.10
CA PHE D 151 -8.80 5.52 45.37
C PHE D 151 -7.94 6.77 45.59
N LEU D 152 -6.91 6.65 46.43
CA LEU D 152 -5.89 7.68 46.56
C LEU D 152 -4.89 7.52 45.41
N PRO D 153 -4.56 8.63 44.73
CA PRO D 153 -4.22 8.67 43.30
C PRO D 153 -2.76 8.39 42.94
N ARG D 154 -2.02 7.81 43.87
CA ARG D 154 -0.56 7.90 43.82
C ARG D 154 0.17 6.89 42.95
N ASP D 155 0.15 5.63 43.40
CA ASP D 155 1.37 4.84 43.46
C ASP D 155 1.47 3.62 42.51
N THR D 156 2.61 2.95 42.57
CA THR D 156 2.98 1.95 41.59
C THR D 156 2.68 0.53 42.05
N GLY D 157 3.37 0.12 43.12
CA GLY D 157 3.58 -1.30 43.40
C GLY D 157 2.45 -2.04 44.09
N ARG D 158 1.79 -1.39 45.04
CA ARG D 158 0.68 -1.98 45.79
C ARG D 158 -0.45 -2.44 44.88
N ILE D 159 -0.54 -1.82 43.71
CA ILE D 159 -1.52 -2.20 42.69
C ILE D 159 -0.96 -3.30 41.78
N GLU D 160 0.30 -3.14 41.36
CA GLU D 160 0.96 -4.11 40.49
C GLU D 160 1.22 -5.46 41.16
N GLU D 161 1.48 -5.43 42.47
CA GLU D 161 1.64 -6.65 43.28
C GLU D 161 0.33 -7.41 43.39
N LEU D 162 -0.76 -6.67 43.52
CA LEU D 162 -2.09 -7.24 43.57
C LEU D 162 -2.48 -7.81 42.21
N ALA D 163 -2.15 -7.07 41.15
CA ALA D 163 -2.39 -7.50 39.79
C ALA D 163 -1.64 -8.79 39.47
N ALA D 164 -0.40 -8.88 39.97
CA ALA D 164 0.42 -10.08 39.84
C ALA D 164 -0.13 -11.25 40.64
N MET D 165 -0.72 -10.94 41.80
CA MET D 165 -1.36 -11.94 42.66
C MET D 165 -2.58 -12.55 41.99
N PHE D 166 -3.39 -11.70 41.35
CA PHE D 166 -4.55 -12.16 40.61
C PHE D 166 -4.16 -12.93 39.35
N ARG D 167 -3.07 -12.51 38.71
CA ARG D 167 -2.59 -13.17 37.50
C ARG D 167 -1.95 -14.52 37.81
N GLN D 168 -1.41 -14.66 39.02
CA GLN D 168 -0.93 -15.95 39.51
C GLN D 168 -2.09 -16.90 39.81
N ALA D 169 -3.27 -16.33 40.06
CA ALA D 169 -4.49 -17.09 40.29
C ALA D 169 -5.22 -17.42 38.98
N GLY D 170 -4.71 -16.90 37.87
CA GLY D 170 -5.31 -17.12 36.55
C GLY D 170 -6.47 -16.18 36.25
N VAL D 171 -6.41 -14.99 36.84
CA VAL D 171 -7.41 -13.95 36.59
C VAL D 171 -6.78 -12.87 35.72
N ASP D 172 -7.42 -12.60 34.59
CA ASP D 172 -7.06 -11.49 33.71
C ASP D 172 -7.17 -10.20 34.53
N CYS D 173 -6.03 -9.58 34.78
CA CYS D 173 -5.98 -8.43 35.69
C CYS D 173 -5.14 -7.29 35.13
N ARG D 174 -5.82 -6.20 34.75
CA ARG D 174 -5.17 -5.01 34.20
C ARG D 174 -5.15 -3.89 35.24
N THR D 175 -4.33 -2.87 35.02
CA THR D 175 -4.17 -1.74 35.94
C THR D 175 -4.32 -0.40 35.21
N THR D 176 -5.08 0.53 35.81
CA THR D 176 -5.23 1.87 35.25
C THR D 176 -4.99 3.00 36.26
N ASP D 177 -4.69 4.19 35.72
CA ASP D 177 -4.50 5.39 36.53
C ASP D 177 -5.83 6.06 36.86
N ASP D 178 -6.84 5.81 36.03
CA ASP D 178 -8.15 6.41 36.18
C ASP D 178 -9.20 5.34 36.49
N LEU D 179 -9.35 5.03 37.78
CA LEU D 179 -10.33 4.05 38.27
C LEU D 179 -11.75 4.56 38.07
N LYS D 180 -11.90 5.88 38.18
CA LYS D 180 -13.16 6.59 38.02
C LYS D 180 -13.79 6.29 36.65
N ARG D 181 -12.97 6.36 35.60
CA ARG D 181 -13.40 6.06 34.23
C ARG D 181 -13.80 4.59 34.08
N ALA D 182 -13.04 3.70 34.70
CA ALA D 182 -13.28 2.26 34.62
C ALA D 182 -14.58 1.86 35.30
N ARG D 183 -14.92 2.56 36.38
CA ARG D 183 -16.17 2.38 37.10
C ARG D 183 -17.37 2.81 36.24
N TRP D 184 -17.21 3.93 35.55
CA TRP D 184 -18.21 4.44 34.63
C TRP D 184 -18.34 3.56 33.38
N GLU D 185 -17.23 2.97 32.95
CA GLU D 185 -17.23 2.09 31.77
C GLU D 185 -18.02 0.79 31.95
N LYS D 186 -18.13 0.33 33.21
CA LYS D 186 -18.99 -0.81 33.51
C LYS D 186 -20.43 -0.36 33.70
N LEU D 187 -20.61 0.91 34.09
CA LEU D 187 -21.93 1.52 34.22
C LEU D 187 -22.62 1.73 32.86
N VAL D 188 -21.83 1.80 31.79
CA VAL D 188 -22.36 1.85 30.43
C VAL D 188 -23.00 0.51 30.05
N TRP D 189 -22.56 -0.57 30.70
CA TRP D 189 -23.22 -1.86 30.53
C TRP D 189 -24.25 -2.13 31.62
N ASN D 190 -23.92 -1.79 32.86
CA ASN D 190 -24.76 -2.11 34.01
C ASN D 190 -26.10 -1.41 34.03
N ILE D 191 -26.09 -0.11 33.79
CA ILE D 191 -27.31 0.70 33.82
C ILE D 191 -28.41 0.24 32.82
N PRO D 192 -28.07 0.10 31.51
CA PRO D 192 -29.14 -0.38 30.63
C PRO D 192 -29.49 -1.87 30.76
N PHE D 193 -28.50 -2.72 31.02
CA PHE D 193 -28.74 -4.17 30.98
C PHE D 193 -29.12 -4.81 32.32
N ASN D 194 -28.76 -4.21 33.45
CA ASN D 194 -29.34 -4.63 34.73
C ASN D 194 -30.63 -3.88 34.99
N GLY D 195 -30.87 -2.85 34.20
CA GLY D 195 -32.09 -2.07 34.30
C GLY D 195 -33.22 -2.71 33.53
N LEU D 196 -33.07 -2.71 32.20
CA LEU D 196 -34.11 -3.18 31.29
C LEU D 196 -34.48 -4.64 31.47
N CYS D 197 -33.51 -5.44 31.91
CA CYS D 197 -33.72 -6.87 32.07
C CYS D 197 -34.44 -7.21 33.36
N ALA D 198 -34.13 -6.50 34.44
CA ALA D 198 -34.76 -6.75 35.74
C ALA D 198 -36.20 -6.25 35.74
N LEU D 199 -36.39 -5.08 35.12
CA LEU D 199 -37.70 -4.46 34.97
C LEU D 199 -38.63 -5.36 34.17
N LEU D 200 -38.20 -5.75 32.97
CA LEU D 200 -39.05 -6.50 32.04
C LEU D 200 -39.07 -8.00 32.34
N GLN D 201 -38.15 -8.43 33.21
CA GLN D 201 -37.93 -9.85 33.56
C GLN D 201 -37.66 -10.70 32.30
N GLN D 202 -36.74 -10.20 31.47
CA GLN D 202 -36.40 -10.81 30.19
C GLN D 202 -34.89 -10.81 29.95
N PRO D 203 -34.35 -11.91 29.40
CA PRO D 203 -32.94 -11.98 29.00
C PRO D 203 -32.54 -11.02 27.87
N VAL D 204 -31.23 -10.78 27.74
CA VAL D 204 -30.67 -9.71 26.89
C VAL D 204 -30.96 -9.81 25.39
N ASN D 205 -31.18 -11.03 24.90
CA ASN D 205 -31.45 -11.27 23.49
C ASN D 205 -32.79 -10.72 23.01
N LEU D 206 -33.77 -10.69 23.91
CA LEU D 206 -35.11 -10.19 23.60
C LEU D 206 -35.11 -8.67 23.55
N ILE D 207 -34.41 -8.05 24.50
CA ILE D 207 -34.18 -6.60 24.53
C ILE D 207 -33.44 -6.15 23.27
N LEU D 208 -32.43 -6.92 22.87
CA LEU D 208 -31.64 -6.62 21.67
C LEU D 208 -32.29 -7.03 20.35
N ALA D 209 -33.43 -7.72 20.40
CA ALA D 209 -34.10 -8.19 19.19
C ALA D 209 -34.83 -7.06 18.45
N ARG D 210 -35.64 -6.32 19.20
CA ARG D 210 -36.39 -5.17 18.65
C ARG D 210 -35.50 -3.96 18.45
N ASP D 211 -35.59 -3.38 17.25
CA ASP D 211 -34.77 -2.22 16.86
C ASP D 211 -35.04 -0.96 17.67
N VAL D 212 -36.31 -0.77 18.04
CA VAL D 212 -36.72 0.37 18.87
C VAL D 212 -36.21 0.22 20.31
N SER D 213 -36.11 -1.03 20.76
CA SER D 213 -35.56 -1.34 22.07
C SER D 213 -34.05 -1.20 22.06
N ARG D 214 -33.42 -1.45 20.90
CA ARG D 214 -31.99 -1.23 20.71
C ARG D 214 -31.67 0.26 20.78
N LYS D 215 -32.57 1.05 20.21
CA LYS D 215 -32.49 2.51 20.17
C LYS D 215 -32.54 3.11 21.57
N LEU D 216 -33.31 2.46 22.44
CA LEU D 216 -33.42 2.82 23.84
C LEU D 216 -32.12 2.54 24.58
N VAL D 217 -31.54 1.36 24.35
CA VAL D 217 -30.27 0.96 24.97
C VAL D 217 -29.18 1.95 24.61
N ARG D 218 -29.08 2.28 23.32
CA ARG D 218 -28.20 3.33 22.82
C ARG D 218 -28.39 4.62 23.59
N GLY D 219 -29.64 5.11 23.61
CA GLY D 219 -30.00 6.35 24.30
C GLY D 219 -29.61 6.40 25.78
N ILE D 220 -29.86 5.30 26.49
CA ILE D 220 -29.50 5.18 27.91
C ILE D 220 -27.98 5.23 28.09
N MET D 221 -27.27 4.40 27.33
CA MET D 221 -25.80 4.37 27.32
C MET D 221 -25.17 5.74 27.06
N LEU D 222 -25.72 6.47 26.10
CA LEU D 222 -25.23 7.80 25.72
C LEU D 222 -25.38 8.84 26.84
N GLU D 223 -26.42 8.67 27.65
CA GLU D 223 -26.64 9.52 28.83
C GLU D 223 -25.65 9.20 29.94
N VAL D 224 -25.27 7.93 30.06
CA VAL D 224 -24.33 7.47 31.08
C VAL D 224 -22.92 7.96 30.75
N ILE D 225 -22.61 8.01 29.46
CA ILE D 225 -21.32 8.49 28.97
C ILE D 225 -21.19 10.01 29.15
N ALA D 226 -22.29 10.72 28.88
CA ALA D 226 -22.34 12.18 29.03
C ALA D 226 -22.10 12.61 30.48
N GLY D 227 -22.64 11.84 31.42
CA GLY D 227 -22.43 12.07 32.85
C GLY D 227 -21.00 11.76 33.26
N ALA D 228 -20.43 10.74 32.64
CA ALA D 228 -19.05 10.33 32.88
C ALA D 228 -18.03 11.35 32.39
N ASN D 229 -18.32 11.95 31.23
CA ASN D 229 -17.42 12.90 30.57
C ASN D 229 -17.21 14.21 31.32
N ALA D 230 -18.19 14.60 32.12
CA ALA D 230 -18.08 15.80 32.95
C ALA D 230 -17.86 15.47 34.43
N GLN D 231 -17.19 14.35 34.69
CA GLN D 231 -16.88 13.94 36.06
C GLN D 231 -15.43 14.30 36.42
N GLY D 232 -14.73 14.89 35.46
CA GLY D 232 -13.32 15.24 35.65
C GLY D 232 -12.42 14.03 35.48
N LEU D 233 -12.66 13.28 34.41
CA LEU D 233 -11.88 12.09 34.07
C LEU D 233 -10.53 12.46 33.45
N ALA D 234 -9.59 11.53 33.49
CA ALA D 234 -8.27 11.71 32.87
C ALA D 234 -8.38 11.64 31.35
N THR D 235 -9.25 10.76 30.87
CA THR D 235 -9.49 10.59 29.43
C THR D 235 -10.98 10.45 29.13
N PHE D 236 -11.43 11.13 28.07
CA PHE D 236 -12.84 11.16 27.67
C PHE D 236 -13.32 9.84 27.09
N ILE D 237 -14.48 9.38 27.57
CA ILE D 237 -15.14 8.22 26.98
C ILE D 237 -15.92 8.74 25.77
N ALA D 238 -15.59 8.20 24.60
CA ALA D 238 -16.23 8.61 23.36
C ALA D 238 -17.44 7.74 23.08
N ASP D 239 -18.47 8.33 22.49
CA ASP D 239 -19.58 7.58 21.93
C ASP D 239 -19.09 6.73 20.77
N GLY D 240 -19.67 5.55 20.60
CA GLY D 240 -19.12 4.53 19.71
C GLY D 240 -18.67 3.36 20.56
N TYR D 241 -18.37 3.65 21.82
CA TYR D 241 -18.21 2.64 22.87
C TYR D 241 -19.57 1.98 23.15
N VAL D 242 -20.63 2.73 22.84
CA VAL D 242 -22.00 2.22 22.82
C VAL D 242 -22.11 0.99 21.90
N ASP D 243 -21.62 1.14 20.68
CA ASP D 243 -21.62 0.06 19.69
C ASP D 243 -20.77 -1.12 20.13
N ASP D 244 -19.68 -0.83 20.83
CA ASP D 244 -18.78 -1.85 21.38
C ASP D 244 -19.47 -2.72 22.43
N MET D 245 -20.22 -2.09 23.34
CA MET D 245 -20.98 -2.83 24.35
C MET D 245 -22.23 -3.49 23.78
N LEU D 246 -22.75 -2.94 22.69
CA LEU D 246 -23.93 -3.48 22.02
C LEU D 246 -23.60 -4.80 21.33
N GLU D 247 -22.55 -4.78 20.51
CA GLU D 247 -22.07 -5.97 19.79
C GLU D 247 -21.55 -7.08 20.71
N PHE D 248 -20.99 -6.67 21.86
CA PHE D 248 -20.53 -7.59 22.91
C PHE D 248 -21.70 -8.39 23.49
N THR D 249 -22.77 -7.69 23.84
CA THR D 249 -23.97 -8.27 24.44
C THR D 249 -24.76 -9.09 23.41
N ASP D 250 -24.60 -8.72 22.14
CA ASP D 250 -25.22 -9.40 21.00
C ASP D 250 -24.73 -10.84 20.83
N ALA D 251 -23.52 -11.11 21.34
CA ALA D 251 -22.90 -12.43 21.27
C ALA D 251 -23.17 -13.28 22.52
N MET D 252 -23.61 -12.62 23.59
CA MET D 252 -23.88 -13.25 24.89
C MET D 252 -25.06 -14.22 24.87
N GLY D 253 -25.88 -14.12 23.82
CA GLY D 253 -27.04 -14.99 23.67
C GLY D 253 -28.13 -14.73 24.67
N GLU D 254 -28.53 -15.78 25.36
CA GLU D 254 -29.71 -15.78 26.24
C GLU D 254 -29.33 -15.54 27.70
N TYR D 255 -28.62 -14.44 27.96
CA TYR D 255 -28.06 -14.16 29.29
C TYR D 255 -29.01 -13.39 30.21
N LYS D 256 -29.04 -13.82 31.48
CA LYS D 256 -29.82 -13.13 32.50
C LYS D 256 -28.88 -12.50 33.54
N PRO D 257 -28.74 -11.16 33.51
CA PRO D 257 -27.87 -10.37 34.39
C PRO D 257 -28.22 -10.49 35.88
N SER D 258 -27.36 -9.96 36.74
CA SER D 258 -27.45 -10.15 38.19
C SER D 258 -28.72 -9.58 38.81
N MET D 259 -29.16 -8.41 38.34
CA MET D 259 -30.38 -7.78 38.87
C MET D 259 -31.65 -8.55 38.51
N GLU D 260 -31.66 -9.17 37.33
CA GLU D 260 -32.81 -9.97 36.88
C GLU D 260 -32.96 -11.24 37.73
N ILE D 261 -31.81 -11.85 38.06
CA ILE D 261 -31.75 -13.02 38.93
C ILE D 261 -32.25 -12.69 40.34
N ASP D 262 -31.83 -11.54 40.86
CA ASP D 262 -32.24 -11.06 42.18
C ASP D 262 -33.74 -10.76 42.24
N ARG D 263 -34.27 -10.23 41.14
CA ARG D 263 -35.69 -9.97 40.96
C ARG D 263 -36.49 -11.26 40.98
N GLU D 264 -35.99 -12.28 40.29
CA GLU D 264 -36.59 -13.61 40.23
C GLU D 264 -36.55 -14.32 41.58
N GLU D 265 -35.49 -14.07 42.35
CA GLU D 265 -35.29 -14.76 43.63
C GLU D 265 -35.85 -13.99 44.83
N GLY D 266 -36.44 -12.82 44.58
CA GLY D 266 -37.12 -12.04 45.61
C GLY D 266 -36.22 -11.33 46.62
N ARG D 267 -34.92 -11.28 46.33
CA ARG D 267 -33.98 -10.53 47.16
C ARG D 267 -33.86 -9.10 46.61
N PRO D 268 -33.52 -8.12 47.47
CA PRO D 268 -33.52 -6.70 47.04
C PRO D 268 -32.50 -6.33 45.95
N LEU D 269 -32.55 -5.09 45.50
CA LEU D 269 -31.75 -4.66 44.35
C LEU D 269 -30.77 -3.54 44.65
N GLU D 270 -29.80 -3.38 43.76
CA GLU D 270 -28.72 -2.41 43.95
C GLU D 270 -29.00 -1.10 43.21
N ILE D 271 -30.21 -0.58 43.36
CA ILE D 271 -30.63 0.68 42.71
C ILE D 271 -29.80 1.86 43.22
N ALA D 272 -29.54 1.88 44.52
CA ALA D 272 -28.82 2.97 45.18
C ALA D 272 -27.43 3.19 44.58
N ALA D 273 -26.69 2.10 44.33
CA ALA D 273 -25.31 2.21 43.85
C ALA D 273 -25.16 2.23 42.33
N ILE D 274 -25.89 1.36 41.64
CA ILE D 274 -25.82 1.31 40.17
C ILE D 274 -26.52 2.51 39.51
N PHE D 275 -27.66 2.94 40.06
CA PHE D 275 -28.49 3.97 39.43
C PHE D 275 -28.50 5.34 40.13
N ARG D 276 -28.79 5.36 41.42
CA ARG D 276 -29.08 6.60 42.13
C ARG D 276 -27.85 7.48 42.41
N THR D 277 -26.75 6.85 42.79
CA THR D 277 -25.48 7.55 43.02
C THR D 277 -24.85 8.18 41.75
N PRO D 278 -24.76 7.43 40.62
CA PRO D 278 -24.28 8.09 39.40
C PRO D 278 -25.17 9.25 38.93
N LEU D 279 -26.47 9.11 39.10
CA LEU D 279 -27.42 10.18 38.82
C LEU D 279 -27.15 11.41 39.69
N ALA D 280 -26.84 11.18 40.96
CA ALA D 280 -26.50 12.25 41.90
C ALA D 280 -25.22 12.95 41.51
N TYR D 281 -24.23 12.18 41.03
CA TYR D 281 -22.97 12.74 40.56
C TYR D 281 -23.14 13.53 39.27
N GLY D 282 -24.05 13.07 38.42
CA GLY D 282 -24.38 13.78 37.18
C GLY D 282 -25.17 15.04 37.43
N ALA D 283 -26.01 15.03 38.46
CA ALA D 283 -26.82 16.18 38.85
C ALA D 283 -26.01 17.24 39.59
N ARG D 284 -24.92 16.80 40.21
CA ARG D 284 -23.95 17.67 40.88
C ARG D 284 -23.20 18.52 39.84
N GLU D 285 -22.96 17.92 38.67
CA GLU D 285 -22.28 18.59 37.57
C GLU D 285 -23.26 19.06 36.49
N GLY D 286 -24.54 18.85 36.74
CA GLY D 286 -25.63 19.38 35.89
C GLY D 286 -25.76 18.76 34.51
N ILE D 287 -26.03 17.45 34.46
CA ILE D 287 -26.21 16.73 33.21
C ILE D 287 -27.60 16.13 33.19
N ALA D 288 -28.35 16.39 32.11
CA ALA D 288 -29.69 15.83 31.96
C ALA D 288 -29.61 14.35 31.61
N MET D 289 -30.09 13.50 32.53
CA MET D 289 -30.13 12.05 32.32
C MET D 289 -31.53 11.46 32.57
N PRO D 290 -32.54 11.86 31.75
CA PRO D 290 -33.94 11.54 32.04
C PRO D 290 -34.31 10.07 31.91
N ARG D 291 -33.69 9.37 30.96
CA ARG D 291 -33.95 7.95 30.74
C ARG D 291 -33.49 7.10 31.92
N VAL D 292 -32.29 7.41 32.42
CA VAL D 292 -31.71 6.74 33.58
C VAL D 292 -32.54 7.03 34.84
N GLU D 293 -33.01 8.27 34.97
CA GLU D 293 -33.95 8.67 36.02
C GLU D 293 -35.27 7.90 35.95
N MET D 294 -35.82 7.81 34.74
CA MET D 294 -37.07 7.09 34.48
C MET D 294 -36.92 5.64 34.92
N LEU D 295 -35.88 4.98 34.41
CA LEU D 295 -35.54 3.60 34.71
C LEU D 295 -35.31 3.31 36.20
N ALA D 296 -34.48 4.13 36.86
CA ALA D 296 -34.21 4.00 38.29
C ALA D 296 -35.51 3.97 39.09
N THR D 297 -36.43 4.85 38.73
CA THR D 297 -37.71 5.01 39.41
C THR D 297 -38.74 3.91 39.09
N LEU D 298 -38.75 3.44 37.84
CA LEU D 298 -39.66 2.36 37.43
C LEU D 298 -39.26 1.04 38.09
N LEU D 299 -37.96 0.85 38.27
CA LEU D 299 -37.38 -0.31 38.92
C LEU D 299 -37.76 -0.40 40.40
N GLU D 300 -37.69 0.72 41.12
CA GLU D 300 -38.03 0.71 42.55
C GLU D 300 -39.54 0.78 42.79
N GLN D 301 -40.28 1.15 41.74
CA GLN D 301 -41.73 1.04 41.73
C GLN D 301 -42.15 -0.41 41.58
N ALA D 302 -41.40 -1.16 40.78
CA ALA D 302 -41.71 -2.55 40.49
C ALA D 302 -41.43 -3.45 41.69
N THR D 303 -40.40 -3.09 42.47
CA THR D 303 -40.06 -3.82 43.69
C THR D 303 -40.46 -3.04 44.95
#